data_5EK8
#
_entry.id   5EK8
#
_cell.length_a   121.166
_cell.length_b   121.166
_cell.length_c   234.673
_cell.angle_alpha   90.00
_cell.angle_beta   90.00
_cell.angle_gamma   120.00
#
_symmetry.space_group_name_H-M   'P 64 2 2'
#
loop_
_entity.id
_entity.type
_entity.pdbx_description
1 polymer Lipoxygenase
2 non-polymer 'FE (II) ION'
3 non-polymer 'SODIUM ION'
4 water water
#
_entity_poly.entity_id   1
_entity_poly.type   'polypeptide(L)'
_entity_poly.pdbx_seq_one_letter_code
;MSTKTKTIFDEIKAALVLKVIDSPLGRKLIEEKAEKQVSKTQEAITKPIEQLNKATGQLLFSDTNKPLHNIELEVWDRDV
GTPSDYLGKGVTDQNGRFEIYYDPEKAGFKDAPDLELRVIDNRVTFDSDNQPVYTNRIAYIIKGGDNVTQKTYDFGTLTV
PYWPYDPNSPFARIFMPNPEETPDDYSVGRKFQAYASANVLTPIKAKHTIANTLNPKEPSLTQIQADYPPNLTINLDREK
PGYTRSDEYFVLRVLNGMNPCLLKRSKSDPNQFKMSFIWDNYEKDTEHDLHNVEAYFVLKDGKLFPTMITIQSRYPDSLA
PHSPLKDREVYTPNDGEKWLQAKRIFRTAALFDGEAIEHYAKAHVQMEQYAVACFRNLRKNPIRLMLTPHLKSIININRR
GDDLLVEPNLGLFVTNGPLTYPGFLQMCTEVVATYDWKDWQPRQPICDDHKYAKAANLYWQILTEYVDAFFAKHQQAIAD
EWVEIRRFSEDLVEHSMPYQPIEGIMANTDSDYEWYDTGELDKPDLPRATFNGKTKVIRPITNSNQPSATDIDNLKQCCR
HIIFHTTLWHTWVNDSQSDEGGELAYNSLALRNGSFGSETDPNIAPDPIEATNQVYIFSVLNGIKYGLLVKNEDDDVPEE
LRTALLNRKDQFAELGIDIGNIRTLINI
;
_entity_poly.pdbx_strand_id   A
#
# COMPACT_ATOMS: atom_id res chain seq x y z
N MET A 1 20.89 -28.42 -17.53
CA MET A 1 19.86 -27.43 -17.26
C MET A 1 20.32 -26.03 -17.61
N SER A 2 19.64 -25.42 -18.57
CA SER A 2 19.97 -24.06 -19.02
C SER A 2 19.75 -23.05 -17.90
N THR A 3 18.76 -23.32 -17.05
CA THR A 3 18.35 -22.40 -16.00
C THR A 3 19.38 -22.28 -14.87
N LYS A 4 20.17 -23.33 -14.66
CA LYS A 4 21.06 -23.38 -13.51
C LYS A 4 22.18 -22.34 -13.58
N THR A 5 22.87 -22.28 -14.73
CA THR A 5 23.95 -21.34 -14.91
C THR A 5 23.49 -19.89 -14.72
N LYS A 6 22.42 -19.52 -15.43
CA LYS A 6 21.88 -18.18 -15.35
C LYS A 6 21.36 -17.83 -13.95
N THR A 7 20.74 -18.80 -13.29
CA THR A 7 20.28 -18.61 -11.92
C THR A 7 21.44 -18.25 -11.02
N ILE A 8 22.52 -19.03 -11.12
CA ILE A 8 23.71 -18.77 -10.32
C ILE A 8 24.26 -17.36 -10.56
N PHE A 9 24.52 -17.03 -11.83
CA PHE A 9 25.08 -15.72 -12.17
C PHE A 9 24.15 -14.60 -11.72
N ASP A 10 22.86 -14.87 -11.67
CA ASP A 10 21.89 -13.85 -11.29
C ASP A 10 21.94 -13.60 -9.79
N GLU A 11 22.00 -14.68 -9.01
CA GLU A 11 22.14 -14.54 -7.56
C GLU A 11 23.43 -13.80 -7.21
N ILE A 12 24.52 -14.20 -7.86
CA ILE A 12 25.80 -13.53 -7.70
C ILE A 12 25.69 -12.04 -8.04
N LYS A 13 25.15 -11.74 -9.20
CA LYS A 13 24.94 -10.37 -9.66
C LYS A 13 24.20 -9.52 -8.62
N ALA A 14 23.08 -10.05 -8.14
CA ALA A 14 22.28 -9.37 -7.13
C ALA A 14 23.11 -9.06 -5.89
N ALA A 15 23.82 -10.07 -5.40
CA ALA A 15 24.68 -9.91 -4.24
C ALA A 15 25.67 -8.75 -4.44
N LEU A 16 26.38 -8.78 -5.56
CA LEU A 16 27.37 -7.76 -5.88
C LEU A 16 26.78 -6.35 -5.91
N VAL A 17 25.64 -6.21 -6.58
CA VAL A 17 24.96 -4.92 -6.66
C VAL A 17 24.66 -4.41 -5.25
N LEU A 18 24.17 -5.28 -4.39
CA LEU A 18 23.87 -4.88 -3.02
C LEU A 18 25.13 -4.46 -2.29
N LYS A 19 26.27 -5.06 -2.64
CA LYS A 19 27.54 -4.64 -2.06
C LYS A 19 27.86 -3.20 -2.47
N VAL A 20 27.66 -2.90 -3.76
CA VAL A 20 27.96 -1.58 -4.29
C VAL A 20 27.07 -0.48 -3.68
N ILE A 21 25.78 -0.76 -3.57
CA ILE A 21 24.84 0.24 -3.08
C ILE A 21 24.98 0.46 -1.57
N ASP A 22 25.11 -0.63 -0.82
CA ASP A 22 25.26 -0.53 0.63
C ASP A 22 26.73 -0.25 0.98
N SER A 23 27.23 0.84 0.41
CA SER A 23 28.63 1.24 0.57
C SER A 23 28.72 2.76 0.40
N PRO A 24 29.89 3.36 0.72
CA PRO A 24 30.09 4.80 0.52
C PRO A 24 29.74 5.30 -0.88
N LEU A 25 30.07 4.51 -1.91
CA LEU A 25 29.77 4.84 -3.30
C LEU A 25 28.26 4.98 -3.51
N GLY A 26 27.55 3.91 -3.14
CA GLY A 26 26.11 3.88 -3.23
C GLY A 26 25.46 4.99 -2.44
N ARG A 27 25.90 5.18 -1.20
CA ARG A 27 25.29 6.17 -0.33
C ARG A 27 25.50 7.59 -0.86
N LYS A 28 26.69 7.87 -1.39
CA LYS A 28 26.94 9.16 -2.01
C LYS A 28 25.98 9.40 -3.17
N LEU A 29 25.86 8.41 -4.06
CA LEU A 29 24.97 8.55 -5.21
C LEU A 29 23.52 8.77 -4.79
N ILE A 30 23.07 8.02 -3.81
CA ILE A 30 21.71 8.14 -3.29
C ILE A 30 21.47 9.54 -2.73
N GLU A 31 22.32 9.95 -1.81
CA GLU A 31 22.20 11.24 -1.15
C GLU A 31 22.21 12.39 -2.15
N GLU A 32 23.06 12.30 -3.16
CA GLU A 32 23.15 13.37 -4.13
C GLU A 32 21.92 13.36 -5.04
N LYS A 33 21.46 12.18 -5.41
CA LYS A 33 20.20 12.03 -6.15
C LYS A 33 19.08 12.74 -5.41
N ALA A 34 19.06 12.59 -4.09
CA ALA A 34 18.09 13.27 -3.25
C ALA A 34 18.29 14.79 -3.26
N GLU A 35 19.54 15.23 -3.26
CA GLU A 35 19.83 16.65 -3.15
C GLU A 35 19.55 17.43 -4.44
N LYS A 36 19.68 16.78 -5.59
CA LYS A 36 19.50 17.48 -6.87
C LYS A 36 18.02 17.73 -7.16
N GLN A 37 17.16 16.88 -6.61
CA GLN A 37 15.74 16.96 -6.90
C GLN A 37 15.06 18.00 -6.01
N VAL A 38 15.87 18.84 -5.38
CA VAL A 38 15.35 19.97 -4.63
C VAL A 38 15.50 21.24 -5.46
N SER A 39 14.40 21.94 -5.69
CA SER A 39 14.45 23.18 -6.46
C SER A 39 14.61 24.39 -5.55
N LYS A 40 15.65 25.17 -5.81
CA LYS A 40 15.91 26.38 -5.04
C LYS A 40 14.73 27.31 -5.17
N THR A 41 14.07 27.61 -4.06
CA THR A 41 12.92 28.49 -4.11
C THR A 41 13.38 29.93 -4.38
N GLN A 42 12.90 30.49 -5.48
CA GLN A 42 13.30 31.82 -5.91
C GLN A 42 12.46 32.88 -5.22
N GLU A 43 12.99 34.10 -5.14
CA GLU A 43 12.30 35.18 -4.45
C GLU A 43 11.42 35.99 -5.40
N ALA A 44 10.41 36.65 -4.85
CA ALA A 44 9.48 37.45 -5.64
C ALA A 44 10.20 38.56 -6.37
N ILE A 45 9.81 38.81 -7.61
CA ILE A 45 10.41 39.87 -8.41
C ILE A 45 9.80 41.21 -8.02
N THR A 46 10.33 41.82 -6.97
CA THR A 46 9.86 43.12 -6.54
C THR A 46 10.46 44.19 -7.42
N LYS A 47 9.57 44.87 -8.16
CA LYS A 47 9.92 45.80 -9.22
C LYS A 47 8.58 46.29 -9.78
N PRO A 48 8.54 47.55 -10.26
CA PRO A 48 7.27 48.02 -10.84
C PRO A 48 6.74 47.11 -11.94
N ILE A 49 5.46 46.80 -11.90
CA ILE A 49 4.86 45.84 -12.83
C ILE A 49 4.84 46.34 -14.28
N GLU A 50 4.90 47.66 -14.45
CA GLU A 50 4.92 48.25 -15.77
C GLU A 50 6.27 48.00 -16.43
N GLN A 51 7.32 48.02 -15.62
CA GLN A 51 8.68 47.82 -16.08
C GLN A 51 8.94 46.34 -16.36
N LEU A 52 8.04 45.49 -15.87
CA LEU A 52 8.16 44.05 -16.04
C LEU A 52 7.51 43.59 -17.34
N ASN A 53 7.88 42.37 -17.74
CA ASN A 53 7.30 41.72 -18.91
C ASN A 53 6.34 40.62 -18.42
N LYS A 54 5.58 40.01 -19.32
CA LYS A 54 4.62 38.99 -18.90
C LYS A 54 4.54 37.79 -19.84
N ALA A 55 4.23 36.64 -19.25
CA ALA A 55 4.01 35.40 -19.98
C ALA A 55 2.68 34.78 -19.53
N THR A 56 1.84 34.41 -20.49
CA THR A 56 0.53 33.89 -20.15
C THR A 56 0.28 32.52 -20.74
N GLY A 57 -0.77 31.86 -20.27
CA GLY A 57 -1.17 30.59 -20.85
C GLY A 57 -2.11 29.77 -20.00
N GLN A 58 -2.34 28.53 -20.39
CA GLN A 58 -3.17 27.62 -19.63
C GLN A 58 -2.59 26.21 -19.64
N LEU A 59 -2.55 25.59 -18.46
CA LEU A 59 -2.02 24.24 -18.33
C LEU A 59 -3.10 23.22 -18.02
N LEU A 60 -3.06 22.09 -18.72
CA LEU A 60 -4.01 21.02 -18.51
C LEU A 60 -3.29 19.70 -18.22
N PHE A 61 -3.93 18.81 -17.45
CA PHE A 61 -3.44 17.44 -17.32
C PHE A 61 -3.38 16.79 -18.69
N SER A 62 -2.35 16.01 -18.95
CA SER A 62 -2.21 15.35 -20.25
C SER A 62 -3.25 14.24 -20.46
N ASP A 63 -3.73 13.62 -19.38
CA ASP A 63 -4.60 12.46 -19.50
C ASP A 63 -6.10 12.75 -19.38
N THR A 64 -6.47 13.72 -18.55
CA THR A 64 -7.88 14.07 -18.39
C THR A 64 -8.22 15.38 -19.08
N ASN A 65 -7.19 16.12 -19.48
CA ASN A 65 -7.35 17.44 -20.09
C ASN A 65 -8.13 18.41 -19.20
N LYS A 66 -8.20 18.09 -17.91
CA LYS A 66 -8.72 19.01 -16.91
C LYS A 66 -7.65 20.02 -16.57
N PRO A 67 -8.04 21.19 -16.04
CA PRO A 67 -7.04 22.20 -15.67
C PRO A 67 -6.09 21.75 -14.58
N LEU A 68 -4.80 22.03 -14.77
CA LEU A 68 -3.80 21.83 -13.74
C LEU A 68 -3.82 23.05 -12.82
N HIS A 69 -4.56 22.93 -11.72
CA HIS A 69 -4.93 24.08 -10.90
C HIS A 69 -3.97 24.38 -9.75
N ASN A 70 -3.79 25.68 -9.49
CA ASN A 70 -3.06 26.16 -8.31
C ASN A 70 -1.68 25.55 -8.17
N ILE A 71 -0.98 25.38 -9.30
CA ILE A 71 0.36 24.84 -9.26
C ILE A 71 1.36 25.93 -9.61
N GLU A 72 2.52 25.89 -8.96
CA GLU A 72 3.49 26.97 -9.10
C GLU A 72 4.24 26.86 -10.43
N LEU A 73 4.44 28.03 -11.04
CA LEU A 73 5.15 28.11 -12.32
C LEU A 73 6.30 29.09 -12.19
N GLU A 74 7.43 28.73 -12.77
CA GLU A 74 8.58 29.62 -12.80
C GLU A 74 9.03 29.90 -14.23
N VAL A 75 9.21 31.18 -14.55
CA VAL A 75 9.73 31.55 -15.86
C VAL A 75 11.24 31.66 -15.81
N TRP A 76 11.91 30.89 -16.66
CA TRP A 76 13.36 30.86 -16.71
C TRP A 76 13.84 31.15 -18.12
N ASP A 77 15.05 31.67 -18.23
CA ASP A 77 15.73 31.71 -19.51
C ASP A 77 16.61 30.48 -19.64
N ARG A 78 16.31 29.68 -20.66
CA ARG A 78 17.15 28.55 -21.03
C ARG A 78 18.17 29.01 -22.06
N ASP A 79 19.45 28.84 -21.74
CA ASP A 79 20.51 29.17 -22.69
C ASP A 79 21.36 27.94 -22.94
N VAL A 80 21.78 27.76 -24.19
CA VAL A 80 22.58 26.62 -24.57
C VAL A 80 24.00 26.75 -24.02
N GLY A 81 24.47 25.68 -23.39
CA GLY A 81 25.80 25.64 -22.80
C GLY A 81 26.04 26.75 -21.79
N THR A 82 25.00 27.10 -21.05
CA THR A 82 25.04 28.18 -20.07
C THR A 82 24.04 27.89 -18.98
N PRO A 83 24.34 28.27 -17.71
CA PRO A 83 23.33 28.07 -16.67
C PRO A 83 22.08 28.90 -16.90
N SER A 84 20.91 28.30 -16.67
CA SER A 84 19.64 28.99 -16.83
C SER A 84 19.50 30.15 -15.86
N ASP A 85 18.66 31.13 -16.20
CA ASP A 85 18.48 32.29 -15.33
C ASP A 85 17.02 32.45 -14.88
N TYR A 86 16.81 32.76 -13.61
CA TYR A 86 15.45 32.94 -13.10
C TYR A 86 14.90 34.32 -13.47
N LEU A 87 13.67 34.33 -13.96
CA LEU A 87 13.06 35.57 -14.47
C LEU A 87 11.80 35.99 -13.71
N GLY A 88 11.05 35.01 -13.19
CA GLY A 88 9.82 35.31 -12.46
C GLY A 88 9.02 34.12 -11.98
N LYS A 89 8.17 34.35 -10.98
CA LYS A 89 7.37 33.29 -10.37
C LYS A 89 5.88 33.50 -10.62
N GLY A 90 5.07 32.56 -10.13
CA GLY A 90 3.63 32.67 -10.21
C GLY A 90 2.90 31.34 -10.18
N VAL A 91 1.58 31.39 -10.14
CA VAL A 91 0.76 30.19 -10.05
C VAL A 91 -0.33 30.14 -11.12
N THR A 92 -0.91 28.96 -11.30
CA THR A 92 -2.09 28.81 -12.16
C THR A 92 -3.34 29.05 -11.32
N ASP A 93 -4.39 29.57 -11.95
CA ASP A 93 -5.68 29.67 -11.25
C ASP A 93 -6.39 28.32 -11.33
N GLN A 94 -7.64 28.29 -10.90
CA GLN A 94 -8.39 27.03 -10.84
C GLN A 94 -8.68 26.49 -12.23
N ASN A 95 -8.57 27.35 -13.24
CA ASN A 95 -8.73 26.93 -14.63
C ASN A 95 -7.40 26.64 -15.30
N GLY A 96 -6.33 26.57 -14.50
CA GLY A 96 -5.01 26.28 -15.01
C GLY A 96 -4.40 27.43 -15.77
N ARG A 97 -5.09 28.56 -15.79
CA ARG A 97 -4.60 29.75 -16.48
C ARG A 97 -3.59 30.52 -15.62
N PHE A 98 -2.64 31.16 -16.28
CA PHE A 98 -1.61 31.89 -15.57
C PHE A 98 -1.16 33.15 -16.32
N GLU A 99 -0.83 34.15 -15.52
CA GLU A 99 -0.30 35.42 -16.00
C GLU A 99 0.96 35.78 -15.19
N ILE A 100 2.06 35.15 -15.55
CA ILE A 100 3.35 35.35 -14.88
C ILE A 100 4.02 36.68 -15.23
N TYR A 101 4.44 37.43 -14.22
CA TYR A 101 5.26 38.60 -14.46
C TYR A 101 6.74 38.24 -14.34
N TYR A 102 7.47 38.36 -15.44
CA TYR A 102 8.91 38.06 -15.41
C TYR A 102 9.74 39.23 -15.93
N ASP A 103 10.99 39.29 -15.46
CA ASP A 103 11.91 40.35 -15.85
C ASP A 103 12.95 39.84 -16.84
N PRO A 104 12.98 40.41 -18.04
CA PRO A 104 13.97 40.01 -19.05
C PRO A 104 15.39 40.37 -18.64
N GLU A 105 15.57 41.35 -17.76
CA GLU A 105 16.90 41.87 -17.43
C GLU A 105 17.76 40.91 -16.64
N LYS A 106 17.17 39.88 -16.04
CA LYS A 106 17.96 38.86 -15.38
C LYS A 106 18.59 37.93 -16.42
N ALA A 107 18.39 38.29 -17.69
CA ALA A 107 19.20 37.77 -18.79
C ALA A 107 20.66 38.04 -18.51
N GLY A 108 20.97 39.32 -18.31
CA GLY A 108 22.33 39.76 -18.13
C GLY A 108 23.10 39.68 -19.43
N PHE A 109 23.37 38.45 -19.87
CA PHE A 109 24.26 38.22 -21.01
C PHE A 109 23.67 38.65 -22.35
N LYS A 110 22.42 38.28 -22.60
CA LYS A 110 21.81 38.52 -23.92
C LYS A 110 20.83 39.67 -23.95
N ASP A 111 20.32 39.94 -25.14
CA ASP A 111 19.44 41.07 -25.39
C ASP A 111 17.98 40.73 -25.15
N ALA A 112 17.65 39.45 -25.30
CA ALA A 112 16.29 38.98 -25.12
C ALA A 112 16.26 37.55 -24.59
N PRO A 113 15.38 37.29 -23.63
CA PRO A 113 15.26 35.94 -23.07
C PRO A 113 14.72 34.89 -24.05
N ASP A 114 15.26 33.67 -23.97
CA ASP A 114 14.72 32.51 -24.67
C ASP A 114 13.96 31.67 -23.65
N LEU A 115 12.64 31.79 -23.67
CA LEU A 115 11.80 31.37 -22.54
C LEU A 115 11.72 29.86 -22.31
N GLU A 116 11.51 29.53 -21.04
CA GLU A 116 11.37 28.16 -20.56
C GLU A 116 10.46 28.18 -19.34
N LEU A 117 9.39 27.41 -19.38
CA LEU A 117 8.42 27.40 -18.29
C LEU A 117 8.58 26.15 -17.42
N ARG A 118 8.72 26.35 -16.12
CA ARG A 118 8.88 25.23 -15.21
C ARG A 118 7.65 25.03 -14.34
N VAL A 119 7.13 23.81 -14.35
CA VAL A 119 6.08 23.39 -13.44
C VAL A 119 6.75 22.89 -12.17
N ILE A 120 6.39 23.50 -11.04
CA ILE A 120 7.04 23.29 -9.77
C ILE A 120 6.17 22.54 -8.75
N ASP A 121 6.71 21.45 -8.22
CA ASP A 121 6.11 20.65 -7.16
C ASP A 121 6.62 21.16 -5.82
N ASN A 122 6.02 20.70 -4.72
CA ASN A 122 6.62 20.94 -3.40
C ASN A 122 6.02 20.10 -2.26
N ARG A 123 6.88 19.70 -1.33
CA ARG A 123 6.47 19.02 -0.12
C ARG A 123 6.49 19.99 1.06
N VAL A 124 5.59 19.80 2.01
CA VAL A 124 5.54 20.67 3.18
C VAL A 124 6.12 19.98 4.40
N THR A 125 7.01 20.68 5.10
CA THR A 125 7.66 20.17 6.28
C THR A 125 7.40 21.13 7.44
N PHE A 126 7.33 20.62 8.67
CA PHE A 126 7.19 21.49 9.84
C PHE A 126 8.52 21.67 10.56
N ASP A 127 8.85 22.92 10.87
CA ASP A 127 10.14 23.25 11.47
C ASP A 127 10.13 23.05 12.99
N SER A 128 11.09 23.66 13.66
CA SER A 128 11.22 23.57 15.10
C SER A 128 10.00 24.12 15.82
N ASP A 129 9.48 25.24 15.33
CA ASP A 129 8.35 25.90 15.98
C ASP A 129 7.03 25.61 15.25
N ASN A 130 6.94 24.41 14.68
CA ASN A 130 5.69 23.91 14.09
C ASN A 130 5.13 24.79 12.97
N GLN A 131 6.03 25.40 12.21
CA GLN A 131 5.62 26.25 11.08
C GLN A 131 5.99 25.58 9.76
N PRO A 132 5.12 25.71 8.74
CA PRO A 132 5.29 25.03 7.45
C PRO A 132 6.59 25.39 6.72
N VAL A 133 7.27 24.38 6.20
CA VAL A 133 8.45 24.60 5.36
C VAL A 133 8.20 24.03 3.98
N TYR A 134 8.26 24.90 2.97
CA TYR A 134 7.96 24.53 1.60
C TYR A 134 9.23 24.22 0.81
N THR A 135 9.31 22.98 0.32
CA THR A 135 10.50 22.53 -0.40
C THR A 135 10.15 22.17 -1.84
N ASN A 136 10.64 22.98 -2.78
CA ASN A 136 10.26 22.84 -4.18
C ASN A 136 10.94 21.69 -4.89
N ARG A 137 10.37 21.32 -6.04
CA ARG A 137 10.88 20.25 -6.90
C ARG A 137 10.37 20.51 -8.31
N ILE A 138 11.24 20.34 -9.31
CA ILE A 138 10.85 20.61 -10.69
C ILE A 138 10.00 19.48 -11.26
N ALA A 139 8.73 19.77 -11.49
CA ALA A 139 7.78 18.76 -11.94
C ALA A 139 7.80 18.59 -13.46
N TYR A 140 7.94 19.70 -14.20
CA TYR A 140 7.98 19.58 -15.66
C TYR A 140 8.62 20.79 -16.31
N ILE A 141 9.11 20.64 -17.54
CA ILE A 141 9.68 21.78 -18.26
C ILE A 141 9.14 21.88 -19.69
N ILE A 142 8.62 23.06 -20.03
CA ILE A 142 8.13 23.33 -21.37
C ILE A 142 9.01 24.38 -22.06
N LYS A 143 9.39 24.12 -23.29
CA LYS A 143 10.22 25.07 -24.03
C LYS A 143 9.35 26.11 -24.72
N GLY A 144 9.69 27.38 -24.51
CA GLY A 144 8.95 28.48 -25.10
C GLY A 144 9.74 29.19 -26.18
N GLY A 145 9.20 30.31 -26.66
CA GLY A 145 9.79 31.04 -27.76
C GLY A 145 11.17 31.61 -27.49
N ASP A 146 11.92 31.83 -28.56
CA ASP A 146 13.25 32.41 -28.46
C ASP A 146 13.22 33.87 -28.88
N ASN A 147 14.19 34.64 -28.38
CA ASN A 147 14.30 36.07 -28.70
C ASN A 147 13.01 36.83 -28.37
N VAL A 148 12.37 36.45 -27.26
CA VAL A 148 11.12 37.07 -26.86
C VAL A 148 11.30 38.56 -26.56
N THR A 149 10.75 39.39 -27.44
CA THR A 149 10.86 40.84 -27.30
C THR A 149 9.47 41.47 -27.31
N GLN A 150 8.49 40.72 -26.85
CA GLN A 150 7.12 41.19 -26.73
C GLN A 150 6.78 41.30 -25.25
N LYS A 151 6.04 42.35 -24.87
CA LYS A 151 5.75 42.55 -23.45
C LYS A 151 4.75 41.51 -22.94
N THR A 152 4.20 40.71 -23.84
CA THR A 152 3.38 39.56 -23.48
C THR A 152 3.68 38.38 -24.39
N TYR A 153 4.19 37.29 -23.83
CA TYR A 153 4.37 36.07 -24.61
C TYR A 153 3.39 35.00 -24.14
N ASP A 154 2.66 34.42 -25.09
CA ASP A 154 1.61 33.47 -24.76
C ASP A 154 1.94 32.04 -25.19
N PHE A 155 1.95 31.13 -24.22
CA PHE A 155 2.17 29.72 -24.51
C PHE A 155 0.89 29.10 -25.07
N GLY A 156 -0.24 29.71 -24.74
CA GLY A 156 -1.53 29.14 -25.08
C GLY A 156 -1.81 27.97 -24.17
N THR A 157 -2.64 27.04 -24.65
CA THR A 157 -2.98 25.85 -23.87
C THR A 157 -2.00 24.71 -24.11
N LEU A 158 -1.42 24.20 -23.04
CA LEU A 158 -0.50 23.08 -23.12
C LEU A 158 -0.92 21.99 -22.14
N THR A 159 -0.52 20.75 -22.42
CA THR A 159 -0.80 19.64 -21.51
C THR A 159 0.45 19.27 -20.73
N VAL A 160 0.24 18.82 -19.49
CA VAL A 160 1.33 18.41 -18.62
C VAL A 160 1.07 17.02 -18.06
N PRO A 161 2.02 16.10 -18.23
CA PRO A 161 1.89 14.75 -17.67
C PRO A 161 2.18 14.73 -16.17
N TYR A 162 1.33 15.38 -15.39
CA TYR A 162 1.52 15.44 -13.95
C TYR A 162 0.75 14.32 -13.25
N TRP A 163 1.49 13.40 -12.66
CA TRP A 163 0.93 12.20 -12.02
C TRP A 163 -0.08 11.50 -12.89
N PRO A 164 0.33 11.08 -14.09
CA PRO A 164 -0.63 10.49 -15.03
C PRO A 164 -1.14 9.14 -14.55
N TYR A 165 -2.37 8.79 -14.91
CA TYR A 165 -2.92 7.49 -14.57
C TYR A 165 -2.43 6.42 -15.54
N ASP A 166 -2.20 5.23 -15.00
CA ASP A 166 -1.84 4.07 -15.82
C ASP A 166 -3.09 3.54 -16.53
N PRO A 167 -3.11 3.60 -17.86
CA PRO A 167 -4.26 3.14 -18.64
C PRO A 167 -4.25 1.63 -18.90
N ASN A 168 -3.19 0.96 -18.46
CA ASN A 168 -3.06 -0.48 -18.68
C ASN A 168 -3.39 -1.30 -17.44
N SER A 169 -3.65 -0.62 -16.33
CA SER A 169 -3.97 -1.31 -15.09
C SER A 169 -5.46 -1.41 -14.89
N PRO A 170 -5.91 -2.53 -14.32
CA PRO A 170 -7.30 -2.68 -13.85
C PRO A 170 -7.56 -1.83 -12.62
N PHE A 171 -6.51 -1.18 -12.12
CA PHE A 171 -6.60 -0.36 -10.92
C PHE A 171 -6.19 1.07 -11.21
N ALA A 172 -6.63 1.99 -10.35
CA ALA A 172 -6.16 3.36 -10.44
C ALA A 172 -4.75 3.47 -9.87
N ARG A 173 -3.77 3.55 -10.77
CA ARG A 173 -2.37 3.60 -10.41
C ARG A 173 -1.64 4.67 -11.23
N ILE A 174 -0.48 5.10 -10.75
CA ILE A 174 0.32 6.06 -11.50
C ILE A 174 0.99 5.35 -12.67
N PHE A 175 1.23 6.08 -13.75
CA PHE A 175 1.96 5.52 -14.88
C PHE A 175 3.45 5.71 -14.63
N MET A 176 4.15 4.59 -14.43
CA MET A 176 5.54 4.65 -14.05
C MET A 176 6.31 3.46 -14.60
N PRO A 177 6.62 3.48 -15.90
CA PRO A 177 7.40 2.42 -16.52
C PRO A 177 8.79 2.37 -15.91
N ASN A 178 9.42 3.53 -15.82
CA ASN A 178 10.70 3.67 -15.14
C ASN A 178 10.48 4.14 -13.72
N PRO A 179 10.59 3.22 -12.75
CA PRO A 179 10.41 3.56 -11.33
C PRO A 179 11.50 4.51 -10.88
N GLU A 180 12.55 4.61 -11.69
CA GLU A 180 13.68 5.48 -11.39
C GLU A 180 13.31 6.95 -11.59
N GLU A 181 12.24 7.23 -12.33
CA GLU A 181 11.76 8.60 -12.46
C GLU A 181 10.40 8.77 -11.79
N THR A 182 10.32 8.41 -10.52
CA THR A 182 9.16 8.68 -9.68
C THR A 182 9.05 10.17 -9.37
N PRO A 183 7.81 10.67 -9.25
CA PRO A 183 7.60 12.07 -8.84
C PRO A 183 7.46 12.19 -7.32
N ASP A 184 7.68 11.07 -6.63
CA ASP A 184 7.57 11.03 -5.17
C ASP A 184 8.47 9.92 -4.62
N ASP A 185 9.76 10.21 -4.53
CA ASP A 185 10.76 9.22 -4.12
C ASP A 185 10.74 8.97 -2.62
N TYR A 186 11.31 7.84 -2.22
CA TYR A 186 11.49 7.54 -0.80
C TYR A 186 12.40 8.56 -0.12
N SER A 187 12.40 8.56 1.21
CA SER A 187 13.43 9.29 1.96
C SER A 187 14.74 8.53 1.81
N VAL A 188 15.87 9.22 1.95
CA VAL A 188 17.16 8.55 1.88
C VAL A 188 17.30 7.52 2.99
N GLY A 189 16.64 7.77 4.11
CA GLY A 189 16.63 6.84 5.22
C GLY A 189 15.97 5.53 4.87
N ARG A 190 14.76 5.62 4.32
CA ARG A 190 14.00 4.46 3.85
C ARG A 190 14.83 3.62 2.87
N LYS A 191 15.48 4.29 1.93
CA LYS A 191 16.40 3.66 0.99
C LYS A 191 17.54 2.92 1.70
N PHE A 192 18.21 3.63 2.61
CA PHE A 192 19.34 3.07 3.34
C PHE A 192 18.97 1.84 4.14
N GLN A 193 17.86 1.92 4.87
CA GLN A 193 17.35 0.78 5.62
C GLN A 193 17.07 -0.40 4.69
N ALA A 194 16.45 -0.09 3.55
CA ALA A 194 16.15 -1.15 2.59
C ALA A 194 17.41 -1.88 2.15
N TYR A 195 18.39 -1.12 1.68
CA TYR A 195 19.60 -1.71 1.12
C TYR A 195 20.42 -2.41 2.19
N ALA A 196 20.35 -1.92 3.42
CA ALA A 196 21.04 -2.55 4.53
C ALA A 196 20.45 -3.92 4.84
N SER A 197 19.13 -3.93 5.06
CA SER A 197 18.39 -5.15 5.35
C SER A 197 18.63 -6.19 4.26
N ALA A 198 18.53 -5.75 3.01
CA ALA A 198 18.75 -6.62 1.88
C ALA A 198 20.19 -7.13 1.87
N ASN A 199 21.15 -6.28 2.23
CA ASN A 199 22.54 -6.70 2.23
C ASN A 199 22.83 -7.77 3.29
N VAL A 200 22.11 -7.69 4.42
CA VAL A 200 22.21 -8.75 5.41
C VAL A 200 21.57 -10.06 4.94
N LEU A 201 20.32 -9.98 4.49
CA LEU A 201 19.52 -11.19 4.23
C LEU A 201 19.76 -11.89 2.88
N THR A 202 20.14 -11.13 1.86
CA THR A 202 20.26 -11.67 0.50
C THR A 202 21.36 -12.73 0.30
N PRO A 203 22.54 -12.56 0.93
CA PRO A 203 23.54 -13.63 0.75
C PRO A 203 23.07 -15.01 1.22
N ILE A 204 22.12 -15.03 2.16
CA ILE A 204 21.54 -16.27 2.65
C ILE A 204 20.70 -16.93 1.55
N LYS A 205 19.74 -16.17 1.04
CA LYS A 205 18.85 -16.62 -0.02
C LYS A 205 19.67 -17.06 -1.23
N ALA A 206 20.74 -16.32 -1.50
CA ALA A 206 21.64 -16.62 -2.61
C ALA A 206 22.32 -17.97 -2.37
N LYS A 207 22.86 -18.15 -1.18
CA LYS A 207 23.47 -19.41 -0.79
C LYS A 207 22.52 -20.58 -1.03
N HIS A 208 21.29 -20.43 -0.57
CA HIS A 208 20.30 -21.49 -0.69
C HIS A 208 19.97 -21.77 -2.15
N THR A 209 19.78 -20.71 -2.92
CA THR A 209 19.42 -20.83 -4.32
C THR A 209 20.49 -21.57 -5.10
N ILE A 210 21.74 -21.16 -4.89
CA ILE A 210 22.87 -21.79 -5.56
C ILE A 210 22.99 -23.25 -5.13
N ALA A 211 22.71 -23.51 -3.85
CA ALA A 211 22.77 -24.85 -3.31
C ALA A 211 21.71 -25.77 -3.94
N ASN A 212 20.56 -25.18 -4.25
CA ASN A 212 19.43 -25.94 -4.78
C ASN A 212 19.68 -26.48 -6.19
N THR A 213 20.48 -25.76 -6.97
CA THR A 213 20.80 -26.20 -8.32
C THR A 213 21.74 -27.40 -8.29
N LEU A 214 22.61 -27.47 -7.29
CA LEU A 214 23.54 -28.57 -7.14
C LEU A 214 22.82 -29.85 -6.73
N ASN A 215 21.72 -29.68 -6.01
CA ASN A 215 20.88 -30.78 -5.57
C ASN A 215 19.47 -30.29 -5.32
N PRO A 216 18.52 -30.72 -6.16
CA PRO A 216 17.14 -30.23 -6.16
C PRO A 216 16.40 -30.46 -4.84
N LYS A 217 16.95 -31.28 -3.96
CA LYS A 217 16.31 -31.60 -2.69
C LYS A 217 16.99 -30.88 -1.54
N GLU A 218 18.06 -30.16 -1.85
CA GLU A 218 18.81 -29.40 -0.84
C GLU A 218 18.74 -27.91 -1.16
N PRO A 219 18.92 -27.05 -0.15
CA PRO A 219 19.17 -27.37 1.27
C PRO A 219 17.93 -27.86 1.98
N SER A 220 18.10 -28.55 3.10
CA SER A 220 16.99 -29.01 3.90
C SER A 220 16.18 -27.84 4.42
N LEU A 221 14.95 -28.10 4.84
CA LEU A 221 14.13 -27.07 5.45
C LEU A 221 14.72 -26.62 6.77
N THR A 222 15.33 -27.57 7.47
CA THR A 222 16.01 -27.30 8.73
C THR A 222 17.17 -26.32 8.55
N GLN A 223 17.97 -26.56 7.51
CA GLN A 223 19.12 -25.71 7.20
C GLN A 223 18.70 -24.31 6.78
N ILE A 224 17.68 -24.22 5.92
CA ILE A 224 17.14 -22.93 5.48
C ILE A 224 16.63 -22.15 6.67
N GLN A 225 15.86 -22.81 7.54
CA GLN A 225 15.30 -22.15 8.70
C GLN A 225 16.41 -21.66 9.64
N ALA A 226 17.39 -22.51 9.90
CA ALA A 226 18.52 -22.16 10.76
C ALA A 226 19.29 -20.97 10.24
N ASP A 227 19.52 -20.93 8.92
CA ASP A 227 20.35 -19.90 8.32
C ASP A 227 19.71 -18.50 8.36
N TYR A 228 18.39 -18.44 8.54
CA TYR A 228 17.71 -17.18 8.79
C TYR A 228 17.47 -17.01 10.28
N PRO A 229 17.35 -15.76 10.75
CA PRO A 229 16.99 -15.53 12.15
C PRO A 229 15.64 -16.14 12.50
N PRO A 230 15.39 -16.44 13.79
CA PRO A 230 14.11 -17.01 14.19
C PRO A 230 12.98 -16.00 14.13
N ASN A 231 11.74 -16.48 14.13
CA ASN A 231 10.57 -15.59 14.15
C ASN A 231 9.82 -15.78 15.45
N LEU A 232 8.65 -15.16 15.55
CA LEU A 232 7.89 -15.19 16.80
C LEU A 232 7.52 -16.60 17.23
N THR A 233 7.04 -17.42 16.30
CA THR A 233 6.57 -18.76 16.64
C THR A 233 7.73 -19.68 17.05
N ILE A 234 8.86 -19.55 16.36
CA ILE A 234 10.05 -20.31 16.73
C ILE A 234 10.48 -19.97 18.16
N ASN A 235 10.58 -18.68 18.48
CA ASN A 235 10.94 -18.23 19.82
C ASN A 235 9.98 -18.76 20.88
N LEU A 236 8.68 -18.60 20.61
CA LEU A 236 7.65 -19.06 21.52
C LEU A 236 7.80 -20.55 21.80
N ASP A 237 7.96 -21.34 20.74
CA ASP A 237 8.12 -22.78 20.89
C ASP A 237 9.47 -23.14 21.50
N ARG A 238 10.39 -22.18 21.53
CA ARG A 238 11.68 -22.39 22.17
C ARG A 238 11.56 -22.19 23.67
N GLU A 239 10.60 -21.36 24.07
CA GLU A 239 10.30 -21.23 25.50
C GLU A 239 9.39 -22.35 25.97
N LYS A 240 8.23 -22.46 25.33
CA LYS A 240 7.26 -23.50 25.64
C LYS A 240 6.97 -24.35 24.41
N PRO A 241 7.58 -25.55 24.35
CA PRO A 241 7.48 -26.49 23.22
C PRO A 241 6.05 -26.71 22.74
N GLY A 242 5.83 -26.52 21.45
CA GLY A 242 4.56 -26.80 20.82
C GLY A 242 3.42 -25.85 21.15
N TYR A 243 3.74 -24.70 21.74
CA TYR A 243 2.70 -23.75 22.12
C TYR A 243 1.97 -23.21 20.89
N THR A 244 2.72 -22.87 19.85
CA THR A 244 2.13 -22.24 18.68
C THR A 244 1.28 -23.20 17.85
N ARG A 245 1.41 -24.50 18.10
CA ARG A 245 0.58 -25.48 17.40
C ARG A 245 -0.73 -25.77 18.15
N SER A 246 -0.89 -25.17 19.33
CA SER A 246 -2.06 -25.41 20.17
C SER A 246 -3.32 -24.72 19.67
N ASP A 247 -4.47 -25.13 20.20
CA ASP A 247 -5.76 -24.56 19.81
C ASP A 247 -5.92 -23.10 20.26
N GLU A 248 -5.45 -22.80 21.45
CA GLU A 248 -5.52 -21.46 22.02
C GLU A 248 -4.83 -20.46 21.09
N TYR A 249 -3.66 -20.85 20.62
CA TYR A 249 -2.87 -20.00 19.74
C TYR A 249 -3.49 -19.92 18.35
N PHE A 250 -4.06 -21.03 17.90
CA PHE A 250 -4.77 -21.08 16.62
C PHE A 250 -5.88 -20.03 16.60
N VAL A 251 -6.69 -20.02 17.65
CA VAL A 251 -7.77 -19.06 17.79
C VAL A 251 -7.24 -17.64 17.89
N LEU A 252 -6.24 -17.44 18.75
CA LEU A 252 -5.64 -16.12 18.92
C LEU A 252 -5.15 -15.53 17.60
N ARG A 253 -4.56 -16.35 16.75
CA ARG A 253 -4.00 -15.86 15.49
C ARG A 253 -5.08 -15.73 14.42
N VAL A 254 -6.14 -16.52 14.55
CA VAL A 254 -7.30 -16.32 13.69
C VAL A 254 -7.88 -14.94 13.95
N LEU A 255 -7.94 -14.57 15.23
CA LEU A 255 -8.50 -13.29 15.65
C LEU A 255 -7.60 -12.09 15.33
N ASN A 256 -6.33 -12.20 15.69
CA ASN A 256 -5.46 -11.03 15.73
C ASN A 256 -4.22 -11.13 14.87
N GLY A 257 -4.09 -12.23 14.13
CA GLY A 257 -2.93 -12.47 13.30
C GLY A 257 -2.81 -11.57 12.09
N MET A 258 -1.84 -11.88 11.22
CA MET A 258 -1.58 -11.14 10.00
C MET A 258 -2.86 -10.96 9.18
N ASN A 259 -3.61 -12.04 9.08
CA ASN A 259 -4.97 -12.02 8.54
C ASN A 259 -5.94 -12.09 9.69
N PRO A 260 -6.37 -10.92 10.19
CA PRO A 260 -7.33 -10.94 11.30
C PRO A 260 -8.72 -11.20 10.75
N CYS A 261 -9.21 -12.42 10.93
CA CYS A 261 -10.43 -12.89 10.29
C CYS A 261 -11.68 -12.19 10.79
N LEU A 262 -12.46 -11.64 9.85
CA LEU A 262 -13.78 -11.12 10.17
C LEU A 262 -14.75 -12.29 10.11
N LEU A 263 -15.05 -12.85 11.28
CA LEU A 263 -15.79 -14.11 11.36
C LEU A 263 -17.26 -14.01 10.96
N LYS A 264 -17.83 -15.15 10.61
CA LYS A 264 -19.26 -15.23 10.36
C LYS A 264 -19.95 -15.86 11.58
N ARG A 265 -21.00 -15.20 12.04
CA ARG A 265 -21.79 -15.64 13.17
C ARG A 265 -23.04 -16.36 12.67
N SER A 266 -23.50 -17.37 13.41
CA SER A 266 -24.71 -18.09 13.02
C SER A 266 -25.95 -17.29 13.41
N LYS A 267 -26.99 -17.41 12.60
CA LYS A 267 -28.22 -16.65 12.84
C LYS A 267 -29.08 -17.35 13.90
N SER A 268 -29.04 -18.67 13.91
CA SER A 268 -29.79 -19.43 14.90
C SER A 268 -29.03 -19.50 16.22
N ASP A 269 -27.80 -19.98 16.18
CA ASP A 269 -26.95 -20.06 17.36
C ASP A 269 -25.88 -18.97 17.35
N PRO A 270 -26.13 -17.86 18.05
CA PRO A 270 -25.21 -16.72 18.01
C PRO A 270 -23.89 -16.96 18.75
N ASN A 271 -23.71 -18.16 19.31
CA ASN A 271 -22.43 -18.52 19.92
C ASN A 271 -21.57 -19.31 18.95
N GLN A 272 -22.14 -19.65 17.80
CA GLN A 272 -21.41 -20.37 16.77
C GLN A 272 -20.81 -19.41 15.75
N PHE A 273 -19.57 -19.68 15.37
CA PHE A 273 -18.83 -18.83 14.45
C PHE A 273 -18.13 -19.69 13.41
N LYS A 274 -17.70 -19.07 12.33
CA LYS A 274 -16.94 -19.78 11.30
C LYS A 274 -16.21 -18.82 10.38
N MET A 275 -15.21 -19.36 9.68
CA MET A 275 -14.51 -18.62 8.64
C MET A 275 -14.29 -19.52 7.42
N SER A 276 -14.60 -18.98 6.24
CA SER A 276 -14.60 -19.76 5.03
C SER A 276 -13.57 -19.27 4.04
N PHE A 277 -12.78 -20.19 3.51
CA PHE A 277 -11.93 -19.91 2.37
C PHE A 277 -12.25 -20.91 1.27
N ILE A 278 -12.92 -20.42 0.22
CA ILE A 278 -13.31 -21.24 -0.92
C ILE A 278 -12.70 -20.68 -2.21
N TRP A 279 -12.06 -21.55 -2.98
CA TRP A 279 -11.27 -21.13 -4.13
C TRP A 279 -11.85 -21.62 -5.45
N ASP A 280 -13.13 -22.02 -5.43
CA ASP A 280 -13.78 -22.55 -6.62
C ASP A 280 -13.73 -21.58 -7.80
N ASN A 281 -13.57 -20.29 -7.48
CA ASN A 281 -13.53 -19.23 -8.48
C ASN A 281 -12.21 -19.05 -9.21
N TYR A 282 -11.16 -19.74 -8.74
CA TYR A 282 -9.80 -19.40 -9.17
C TYR A 282 -9.02 -20.55 -9.79
N GLU A 283 -8.09 -20.18 -10.66
CA GLU A 283 -7.26 -21.15 -11.36
C GLU A 283 -6.08 -21.61 -10.50
N LYS A 284 -6.04 -22.91 -10.22
CA LYS A 284 -4.94 -23.51 -9.47
C LYS A 284 -3.73 -23.67 -10.38
N ASP A 285 -2.53 -23.47 -9.84
CA ASP A 285 -1.33 -23.77 -10.61
C ASP A 285 -1.09 -25.27 -10.57
N THR A 286 -0.08 -25.74 -11.29
CA THR A 286 0.14 -27.18 -11.41
C THR A 286 0.91 -27.78 -10.22
N GLU A 287 1.63 -26.95 -9.47
CA GLU A 287 2.49 -27.46 -8.41
C GLU A 287 1.75 -27.69 -7.09
N HIS A 288 1.03 -26.67 -6.62
CA HIS A 288 0.47 -26.69 -5.28
C HIS A 288 -0.94 -27.25 -5.21
N ASP A 289 -1.36 -27.61 -4.01
CA ASP A 289 -2.72 -28.04 -3.74
C ASP A 289 -3.60 -26.84 -3.45
N LEU A 290 -4.91 -27.04 -3.54
CA LEU A 290 -5.90 -26.01 -3.19
C LEU A 290 -6.93 -26.58 -2.24
N HIS A 291 -7.22 -25.86 -1.15
CA HIS A 291 -8.16 -26.37 -0.16
C HIS A 291 -9.27 -25.37 0.18
N ASN A 292 -10.51 -25.77 -0.10
CA ASN A 292 -11.66 -25.09 0.45
C ASN A 292 -11.76 -25.45 1.92
N VAL A 293 -11.25 -24.57 2.78
CA VAL A 293 -11.22 -24.87 4.21
C VAL A 293 -12.14 -23.96 4.99
N GLU A 294 -12.89 -24.56 5.91
CA GLU A 294 -13.80 -23.79 6.74
C GLU A 294 -13.59 -24.14 8.20
N ALA A 295 -13.29 -23.13 9.02
CA ALA A 295 -13.04 -23.37 10.43
C ALA A 295 -14.21 -22.91 11.25
N TYR A 296 -14.68 -23.77 12.15
CA TYR A 296 -15.83 -23.46 12.99
C TYR A 296 -15.35 -23.25 14.42
N PHE A 297 -15.93 -22.27 15.10
CA PHE A 297 -15.56 -21.94 16.47
C PHE A 297 -16.82 -21.79 17.30
N VAL A 298 -16.69 -21.97 18.61
CA VAL A 298 -17.80 -21.70 19.51
C VAL A 298 -17.36 -20.67 20.55
N LEU A 299 -18.29 -19.86 21.01
CA LEU A 299 -18.00 -18.85 22.02
C LEU A 299 -18.55 -19.29 23.37
N LYS A 300 -17.66 -19.55 24.31
CA LYS A 300 -18.06 -19.99 25.64
C LYS A 300 -17.39 -19.12 26.69
N ASP A 301 -18.20 -18.31 27.38
CA ASP A 301 -17.72 -17.46 28.47
C ASP A 301 -16.66 -16.47 28.04
N GLY A 302 -16.81 -15.90 26.85
CA GLY A 302 -15.90 -14.88 26.36
C GLY A 302 -14.62 -15.44 25.77
N LYS A 303 -14.62 -16.73 25.50
CA LYS A 303 -13.48 -17.39 24.88
C LYS A 303 -13.94 -18.08 23.60
N LEU A 304 -13.06 -18.12 22.60
CA LEU A 304 -13.37 -18.84 21.37
C LEU A 304 -12.58 -20.13 21.27
N PHE A 305 -13.29 -21.25 21.16
CA PHE A 305 -12.67 -22.55 20.99
C PHE A 305 -13.01 -23.10 19.61
N PRO A 306 -12.04 -23.76 18.95
CA PRO A 306 -12.32 -24.36 17.64
C PRO A 306 -13.11 -25.66 17.78
N THR A 307 -14.22 -25.78 17.05
CA THR A 307 -15.06 -26.97 17.15
C THR A 307 -14.75 -27.99 16.05
N MET A 308 -14.56 -27.50 14.82
CA MET A 308 -14.10 -28.36 13.74
C MET A 308 -13.49 -27.57 12.60
N ILE A 309 -12.86 -28.28 11.67
CA ILE A 309 -12.31 -27.70 10.46
C ILE A 309 -12.64 -28.67 9.35
N THR A 310 -13.32 -28.18 8.33
CA THR A 310 -13.63 -29.00 7.17
C THR A 310 -12.70 -28.63 6.03
N ILE A 311 -12.28 -29.65 5.30
CA ILE A 311 -11.36 -29.45 4.19
C ILE A 311 -11.86 -30.16 2.94
N GLN A 312 -12.05 -29.40 1.86
CA GLN A 312 -12.45 -29.99 0.60
C GLN A 312 -11.46 -29.59 -0.49
N SER A 313 -10.72 -30.56 -1.01
CA SER A 313 -9.57 -30.25 -1.84
C SER A 313 -9.80 -30.50 -3.33
N ARG A 314 -9.15 -29.68 -4.15
CA ARG A 314 -9.05 -29.91 -5.58
C ARG A 314 -8.23 -31.16 -5.84
N TYR A 315 -8.61 -31.93 -6.87
CA TYR A 315 -7.71 -32.95 -7.38
C TYR A 315 -6.50 -32.22 -7.95
N PRO A 316 -5.36 -32.90 -8.05
CA PRO A 316 -4.21 -32.26 -8.68
C PRO A 316 -4.55 -31.80 -10.10
N ASP A 317 -5.40 -32.57 -10.77
CA ASP A 317 -5.93 -32.24 -12.09
C ASP A 317 -6.75 -30.95 -12.14
N SER A 318 -7.58 -30.75 -11.13
CA SER A 318 -8.55 -29.66 -11.11
C SER A 318 -7.91 -28.25 -11.13
N LEU A 319 -7.47 -27.84 -12.31
CA LEU A 319 -6.80 -26.56 -12.47
C LEU A 319 -7.79 -25.41 -12.62
N ALA A 320 -8.62 -25.50 -13.65
CA ALA A 320 -9.58 -24.45 -13.98
C ALA A 320 -10.58 -24.21 -12.87
N PRO A 321 -11.09 -22.97 -12.75
CA PRO A 321 -12.15 -22.69 -11.78
C PRO A 321 -13.34 -23.62 -11.94
N HIS A 322 -13.92 -24.04 -10.82
CA HIS A 322 -15.11 -24.90 -10.77
C HIS A 322 -14.85 -26.31 -11.30
N SER A 323 -13.58 -26.69 -11.33
CA SER A 323 -13.18 -28.07 -11.61
C SER A 323 -13.48 -28.98 -10.40
N PRO A 324 -13.56 -30.30 -10.63
CA PRO A 324 -14.02 -31.24 -9.59
C PRO A 324 -13.25 -31.19 -8.27
N LEU A 325 -13.96 -31.40 -7.17
CA LEU A 325 -13.39 -31.44 -5.82
C LEU A 325 -13.46 -32.85 -5.24
N LYS A 326 -12.47 -33.19 -4.41
CA LYS A 326 -12.53 -34.42 -3.63
C LYS A 326 -13.60 -34.29 -2.56
N ASP A 327 -14.10 -35.40 -2.03
CA ASP A 327 -15.12 -35.35 -0.99
C ASP A 327 -14.62 -34.57 0.23
N ARG A 328 -15.47 -33.66 0.73
CA ARG A 328 -15.09 -32.85 1.88
C ARG A 328 -14.87 -33.75 3.09
N GLU A 329 -13.84 -33.42 3.87
CA GLU A 329 -13.49 -34.17 5.06
C GLU A 329 -13.74 -33.28 6.28
N VAL A 330 -13.92 -33.91 7.43
CA VAL A 330 -14.22 -33.21 8.67
C VAL A 330 -13.23 -33.56 9.78
N TYR A 331 -12.74 -32.56 10.50
CA TYR A 331 -11.75 -32.79 11.54
C TYR A 331 -12.09 -32.04 12.83
N THR A 332 -12.11 -32.78 13.94
CA THR A 332 -12.40 -32.22 15.25
C THR A 332 -11.12 -32.18 16.11
N PRO A 333 -11.11 -31.39 17.19
CA PRO A 333 -9.89 -31.27 18.01
C PRO A 333 -9.40 -32.56 18.67
N ASN A 334 -10.11 -33.67 18.48
CA ASN A 334 -9.67 -34.94 19.05
C ASN A 334 -9.20 -35.92 17.97
N ASP A 335 -9.04 -35.41 16.75
CA ASP A 335 -8.59 -36.25 15.64
C ASP A 335 -7.07 -36.24 15.51
N GLY A 336 -6.40 -35.76 16.56
CA GLY A 336 -4.95 -35.83 16.68
C GLY A 336 -4.12 -35.10 15.63
N GLU A 337 -3.29 -35.86 14.93
CA GLU A 337 -2.35 -35.28 13.99
C GLU A 337 -3.08 -34.78 12.75
N LYS A 338 -4.22 -35.39 12.42
CA LYS A 338 -5.00 -34.91 11.29
C LYS A 338 -5.69 -33.60 11.66
N TRP A 339 -5.96 -33.44 12.96
CA TRP A 339 -6.42 -32.16 13.47
C TRP A 339 -5.33 -31.10 13.32
N LEU A 340 -4.11 -31.43 13.77
CA LEU A 340 -2.98 -30.50 13.63
C LEU A 340 -2.71 -30.11 12.17
N GLN A 341 -2.75 -31.10 11.29
CA GLN A 341 -2.54 -30.90 9.87
C GLN A 341 -3.65 -30.04 9.25
N ALA A 342 -4.89 -30.25 9.70
CA ALA A 342 -6.00 -29.41 9.29
C ALA A 342 -5.74 -27.95 9.70
N LYS A 343 -5.28 -27.76 10.93
CA LYS A 343 -5.00 -26.41 11.42
C LYS A 343 -3.91 -25.73 10.60
N ARG A 344 -2.90 -26.50 10.21
CA ARG A 344 -1.84 -25.94 9.36
C ARG A 344 -2.38 -25.54 7.97
N ILE A 345 -3.20 -26.41 7.39
CA ILE A 345 -3.81 -26.14 6.08
C ILE A 345 -4.63 -24.84 6.12
N PHE A 346 -5.49 -24.73 7.14
CA PHE A 346 -6.22 -23.49 7.36
C PHE A 346 -5.28 -22.31 7.44
N ARG A 347 -4.20 -22.45 8.22
CA ARG A 347 -3.23 -21.38 8.37
C ARG A 347 -2.67 -20.90 7.03
N THR A 348 -2.40 -21.85 6.14
CA THR A 348 -1.81 -21.51 4.85
C THR A 348 -2.83 -20.82 3.95
N ALA A 349 -4.07 -21.32 3.96
CA ALA A 349 -5.12 -20.64 3.20
C ALA A 349 -5.30 -19.21 3.71
N ALA A 350 -5.20 -19.05 5.02
CA ALA A 350 -5.36 -17.76 5.66
C ALA A 350 -4.19 -16.84 5.35
N LEU A 351 -3.01 -17.43 5.14
CA LEU A 351 -1.82 -16.62 4.87
C LEU A 351 -1.83 -16.14 3.44
N PHE A 352 -2.15 -17.03 2.50
CA PHE A 352 -2.24 -16.61 1.10
C PHE A 352 -3.37 -15.61 0.91
N ASP A 353 -4.53 -15.88 1.49
CA ASP A 353 -5.65 -14.94 1.42
C ASP A 353 -5.25 -13.61 2.04
N GLY A 354 -4.54 -13.69 3.17
CA GLY A 354 -4.09 -12.51 3.89
C GLY A 354 -3.16 -11.66 3.07
N GLU A 355 -2.26 -12.29 2.32
CA GLU A 355 -1.33 -11.53 1.48
C GLU A 355 -2.02 -10.94 0.26
N ALA A 356 -2.83 -11.74 -0.42
CA ALA A 356 -3.57 -11.27 -1.59
C ALA A 356 -4.56 -10.16 -1.24
N ILE A 357 -5.56 -10.50 -0.43
CA ILE A 357 -6.64 -9.58 -0.13
C ILE A 357 -6.30 -8.54 0.96
N GLU A 358 -6.03 -9.02 2.18
CA GLU A 358 -5.84 -8.13 3.33
C GLU A 358 -4.66 -7.20 3.17
N HIS A 359 -3.58 -7.72 2.59
CA HIS A 359 -2.39 -6.94 2.38
C HIS A 359 -2.36 -6.20 1.05
N TYR A 360 -1.97 -6.92 0.00
CA TYR A 360 -1.72 -6.31 -1.31
C TYR A 360 -2.95 -5.60 -1.86
N ALA A 361 -4.10 -6.26 -1.80
CA ALA A 361 -5.31 -5.67 -2.37
C ALA A 361 -5.86 -4.54 -1.52
N LYS A 362 -6.15 -4.83 -0.25
CA LYS A 362 -6.85 -3.88 0.61
C LYS A 362 -6.00 -2.70 1.04
N ALA A 363 -4.70 -2.92 1.20
CA ALA A 363 -3.84 -1.84 1.67
C ALA A 363 -3.17 -1.12 0.50
N HIS A 364 -2.39 -1.83 -0.29
CA HIS A 364 -1.60 -1.20 -1.35
C HIS A 364 -2.46 -0.63 -2.46
N VAL A 365 -3.12 -1.53 -3.19
CA VAL A 365 -3.90 -1.15 -4.34
C VAL A 365 -4.99 -0.14 -3.99
N GLN A 366 -5.74 -0.41 -2.92
CA GLN A 366 -6.86 0.47 -2.59
C GLN A 366 -6.38 1.88 -2.24
N MET A 367 -5.18 1.99 -1.68
CA MET A 367 -4.70 3.30 -1.25
C MET A 367 -3.93 4.04 -2.35
N GLU A 368 -3.42 3.32 -3.34
CA GLU A 368 -2.70 3.99 -4.42
C GLU A 368 -3.60 4.99 -5.16
N GLN A 369 -4.88 4.66 -5.33
CA GLN A 369 -5.80 5.52 -6.05
C GLN A 369 -5.98 6.85 -5.31
N TYR A 370 -6.09 6.76 -3.99
CA TYR A 370 -6.19 7.93 -3.15
C TYR A 370 -4.91 8.73 -3.20
N ALA A 371 -3.78 8.04 -3.26
CA ALA A 371 -2.49 8.72 -3.39
C ALA A 371 -2.43 9.55 -4.67
N VAL A 372 -2.61 8.88 -5.80
CA VAL A 372 -2.55 9.55 -7.10
C VAL A 372 -3.50 10.74 -7.17
N ALA A 373 -4.77 10.52 -6.82
CA ALA A 373 -5.74 11.60 -6.81
C ALA A 373 -5.30 12.77 -5.92
N CYS A 374 -4.84 12.42 -4.72
CA CYS A 374 -4.40 13.40 -3.73
C CYS A 374 -3.32 14.31 -4.27
N PHE A 375 -2.22 13.70 -4.71
CA PHE A 375 -1.09 14.48 -5.21
C PHE A 375 -1.44 15.19 -6.51
N ARG A 376 -2.47 14.68 -7.19
CA ARG A 376 -2.93 15.32 -8.41
C ARG A 376 -3.65 16.63 -8.14
N ASN A 377 -4.45 16.67 -7.07
CA ASN A 377 -5.39 17.79 -6.91
C ASN A 377 -5.31 18.61 -5.62
N LEU A 378 -4.50 18.17 -4.66
CA LEU A 378 -4.46 18.85 -3.37
C LEU A 378 -3.19 19.68 -3.19
N ARG A 379 -3.31 20.99 -3.30
CA ARG A 379 -2.17 21.90 -3.16
C ARG A 379 -2.44 23.02 -2.13
N LYS A 380 -3.29 23.97 -2.49
CA LYS A 380 -3.63 25.08 -1.60
C LYS A 380 -4.50 24.65 -0.43
N ASN A 381 -5.26 23.59 -0.62
CA ASN A 381 -6.19 23.11 0.41
C ASN A 381 -5.47 22.36 1.54
N PRO A 382 -5.65 22.84 2.78
CA PRO A 382 -5.04 22.30 4.01
C PRO A 382 -5.15 20.79 4.14
N ILE A 383 -6.18 20.19 3.54
CA ILE A 383 -6.36 18.74 3.59
C ILE A 383 -5.14 18.02 3.00
N ARG A 384 -4.47 18.67 2.06
CA ARG A 384 -3.19 18.18 1.55
C ARG A 384 -2.22 17.87 2.69
N LEU A 385 -2.00 18.89 3.53
CA LEU A 385 -1.11 18.77 4.69
C LEU A 385 -1.50 17.61 5.58
N MET A 386 -2.75 17.20 5.50
CA MET A 386 -3.26 16.13 6.34
C MET A 386 -3.12 14.76 5.68
N LEU A 387 -3.23 14.73 4.35
CA LEU A 387 -3.28 13.45 3.63
C LEU A 387 -1.94 13.00 3.03
N THR A 388 -1.19 13.93 2.45
CA THR A 388 0.07 13.59 1.77
C THR A 388 1.07 12.74 2.56
N PRO A 389 1.32 13.03 3.86
CA PRO A 389 2.32 12.21 4.56
C PRO A 389 1.96 10.73 4.69
N HIS A 390 0.67 10.42 4.59
CA HIS A 390 0.22 9.04 4.70
C HIS A 390 0.13 8.37 3.33
N LEU A 391 0.02 9.17 2.29
CA LEU A 391 -0.14 8.64 0.93
C LEU A 391 1.15 8.71 0.13
N LYS A 392 2.17 9.35 0.69
CA LYS A 392 3.44 9.47 -0.01
C LYS A 392 4.14 8.12 -0.13
N SER A 393 4.96 8.00 -1.18
CA SER A 393 5.87 6.87 -1.40
C SER A 393 5.21 5.54 -1.78
N ILE A 394 3.88 5.45 -1.71
CA ILE A 394 3.21 4.16 -1.94
C ILE A 394 3.30 3.73 -3.41
N ILE A 395 3.36 4.71 -4.31
CA ILE A 395 3.50 4.43 -5.73
C ILE A 395 4.79 3.65 -5.99
N ASN A 396 5.83 4.02 -5.26
CA ASN A 396 7.13 3.37 -5.37
C ASN A 396 7.07 1.90 -5.02
N ILE A 397 6.50 1.60 -3.85
CA ILE A 397 6.49 0.23 -3.37
C ILE A 397 5.55 -0.64 -4.21
N ASN A 398 4.44 -0.06 -4.68
CA ASN A 398 3.56 -0.83 -5.54
C ASN A 398 4.23 -1.15 -6.89
N ARG A 399 4.89 -0.14 -7.46
CA ARG A 399 5.63 -0.33 -8.70
C ARG A 399 6.74 -1.36 -8.54
N ARG A 400 7.31 -1.42 -7.34
CA ARG A 400 8.34 -2.42 -7.03
C ARG A 400 7.73 -3.81 -6.94
N GLY A 401 6.57 -3.89 -6.29
CA GLY A 401 5.83 -5.13 -6.16
C GLY A 401 5.43 -5.69 -7.52
N ASP A 402 5.29 -4.81 -8.50
CA ASP A 402 5.04 -5.23 -9.87
C ASP A 402 6.10 -6.19 -10.41
N ASP A 403 7.30 -6.15 -9.80
CA ASP A 403 8.37 -7.09 -10.14
C ASP A 403 8.61 -8.11 -9.03
N LEU A 404 8.43 -7.68 -7.78
CA LEU A 404 8.87 -8.48 -6.64
C LEU A 404 7.80 -9.39 -6.03
N LEU A 405 6.54 -8.94 -6.05
CA LEU A 405 5.48 -9.71 -5.39
C LEU A 405 4.46 -10.29 -6.38
N VAL A 406 4.05 -9.49 -7.36
CA VAL A 406 2.94 -9.85 -8.22
C VAL A 406 3.29 -9.93 -9.72
N GLU A 407 4.58 -10.09 -10.00
CA GLU A 407 5.03 -10.35 -11.37
C GLU A 407 4.54 -11.71 -11.83
N PRO A 408 3.91 -11.76 -13.02
CA PRO A 408 3.26 -12.93 -13.63
C PRO A 408 3.97 -14.28 -13.44
N ASN A 409 5.29 -14.28 -13.29
CA ASN A 409 6.03 -15.53 -13.21
C ASN A 409 7.12 -15.60 -12.14
N LEU A 410 7.42 -14.48 -11.49
CA LEU A 410 8.54 -14.43 -10.56
C LEU A 410 8.18 -13.86 -9.18
N GLY A 411 7.02 -13.21 -9.09
CA GLY A 411 6.56 -12.63 -7.84
C GLY A 411 6.23 -13.65 -6.78
N LEU A 412 6.51 -13.31 -5.52
CA LEU A 412 6.35 -14.25 -4.42
C LEU A 412 4.92 -14.75 -4.24
N PHE A 413 3.94 -13.85 -4.26
CA PHE A 413 2.55 -14.22 -4.00
C PHE A 413 1.99 -15.12 -5.10
N VAL A 414 2.45 -14.90 -6.33
CA VAL A 414 2.06 -15.76 -7.45
C VAL A 414 2.78 -17.11 -7.38
N THR A 415 4.11 -17.06 -7.43
CA THR A 415 4.96 -18.25 -7.40
C THR A 415 4.65 -19.19 -6.23
N ASN A 416 4.69 -18.65 -5.02
CA ASN A 416 4.51 -19.44 -3.80
C ASN A 416 3.03 -19.70 -3.49
N GLY A 417 2.15 -18.86 -4.05
CA GLY A 417 0.72 -19.05 -3.90
C GLY A 417 0.21 -20.18 -4.77
N PRO A 418 -0.90 -20.82 -4.37
CA PRO A 418 -1.48 -21.98 -5.04
C PRO A 418 -2.17 -21.64 -6.35
N LEU A 419 -2.27 -20.36 -6.66
CA LEU A 419 -2.98 -19.93 -7.86
C LEU A 419 -2.02 -19.51 -8.96
N THR A 420 -2.55 -19.44 -10.18
CA THR A 420 -1.83 -18.83 -11.28
C THR A 420 -1.86 -17.31 -11.10
N TYR A 421 -1.14 -16.58 -11.93
CA TYR A 421 -1.22 -15.13 -11.88
C TYR A 421 -2.65 -14.63 -12.16
N PRO A 422 -3.32 -15.19 -13.20
CA PRO A 422 -4.73 -14.78 -13.38
C PRO A 422 -5.61 -15.00 -12.15
N GLY A 423 -5.36 -16.07 -11.38
CA GLY A 423 -6.15 -16.35 -10.19
C GLY A 423 -5.94 -15.29 -9.11
N PHE A 424 -4.68 -15.07 -8.77
CA PHE A 424 -4.31 -14.07 -7.77
C PHE A 424 -4.85 -12.68 -8.15
N LEU A 425 -4.61 -12.31 -9.40
CA LEU A 425 -5.12 -11.07 -9.96
C LEU A 425 -6.63 -11.00 -9.78
N GLN A 426 -7.31 -12.10 -10.09
CA GLN A 426 -8.75 -12.13 -9.99
C GLN A 426 -9.23 -11.89 -8.56
N MET A 427 -8.51 -12.44 -7.58
CA MET A 427 -8.82 -12.14 -6.18
C MET A 427 -8.76 -10.64 -5.96
N CYS A 428 -7.68 -10.05 -6.46
CA CYS A 428 -7.45 -8.63 -6.25
C CYS A 428 -8.53 -7.74 -6.86
N THR A 429 -8.77 -7.92 -8.16
CA THR A 429 -9.78 -7.15 -8.88
C THR A 429 -11.16 -7.34 -8.25
N GLU A 430 -11.48 -8.59 -7.91
CA GLU A 430 -12.73 -8.90 -7.21
C GLU A 430 -12.93 -8.02 -6.00
N VAL A 431 -12.00 -8.05 -5.04
CA VAL A 431 -12.27 -7.30 -3.81
C VAL A 431 -12.11 -5.77 -3.97
N VAL A 432 -11.20 -5.33 -4.84
CA VAL A 432 -10.96 -3.88 -4.98
C VAL A 432 -12.16 -3.25 -5.70
N ALA A 433 -12.87 -4.05 -6.50
CA ALA A 433 -14.07 -3.54 -7.16
C ALA A 433 -15.22 -3.25 -6.18
N THR A 434 -15.00 -3.50 -4.89
CA THR A 434 -16.04 -3.28 -3.88
C THR A 434 -15.62 -2.32 -2.76
N TYR A 435 -14.36 -1.90 -2.75
CA TYR A 435 -13.84 -1.09 -1.64
C TYR A 435 -14.17 0.38 -1.79
N ASP A 436 -14.94 0.92 -0.85
CA ASP A 436 -15.27 2.34 -0.84
C ASP A 436 -15.06 2.91 0.57
N TRP A 437 -15.00 4.24 0.66
CA TRP A 437 -14.75 4.93 1.93
C TRP A 437 -16.00 5.18 2.77
N LYS A 438 -17.17 5.22 2.13
CA LYS A 438 -18.39 5.68 2.79
C LYS A 438 -18.94 4.72 3.82
N ASP A 439 -19.33 5.27 4.97
CA ASP A 439 -19.93 4.51 6.07
C ASP A 439 -19.04 3.37 6.58
N TRP A 440 -17.76 3.39 6.20
CA TRP A 440 -16.83 2.37 6.61
C TRP A 440 -16.39 2.60 8.06
N GLN A 441 -16.43 1.54 8.86
CA GLN A 441 -15.98 1.60 10.25
C GLN A 441 -15.42 0.25 10.68
N PRO A 442 -14.41 0.25 11.57
CA PRO A 442 -13.76 -0.99 12.00
C PRO A 442 -14.70 -1.95 12.72
N ARG A 443 -14.42 -3.25 12.61
CA ARG A 443 -15.20 -4.29 13.28
C ARG A 443 -15.24 -4.09 14.79
N GLN A 444 -16.24 -4.68 15.43
CA GLN A 444 -16.34 -4.62 16.90
C GLN A 444 -15.79 -5.90 17.54
N PRO A 445 -15.26 -5.79 18.77
CA PRO A 445 -14.66 -6.93 19.46
C PRO A 445 -15.63 -8.05 19.77
N ILE A 446 -15.35 -9.25 19.26
CA ILE A 446 -16.14 -10.42 19.62
C ILE A 446 -15.97 -10.75 21.10
N CYS A 447 -14.73 -10.68 21.59
CA CYS A 447 -14.43 -11.01 22.98
C CYS A 447 -13.24 -10.21 23.51
N ASP A 448 -12.87 -10.47 24.77
CA ASP A 448 -11.77 -9.76 25.41
C ASP A 448 -10.42 -10.05 24.74
N ASP A 449 -10.26 -11.27 24.23
CA ASP A 449 -9.02 -11.65 23.56
C ASP A 449 -8.92 -11.09 22.15
N HIS A 450 -10.00 -10.47 21.69
CA HIS A 450 -10.03 -9.91 20.34
C HIS A 450 -9.23 -8.61 20.27
N LYS A 451 -7.91 -8.75 20.36
CA LYS A 451 -7.02 -7.60 20.45
C LYS A 451 -7.13 -6.65 19.25
N TYR A 452 -7.20 -7.20 18.05
CA TYR A 452 -7.20 -6.35 16.87
C TYR A 452 -8.39 -5.39 16.85
N ALA A 453 -9.57 -5.88 17.24
CA ALA A 453 -10.76 -5.05 17.21
C ALA A 453 -10.66 -3.90 18.19
N LYS A 454 -10.24 -4.21 19.43
CA LYS A 454 -10.02 -3.20 20.44
C LYS A 454 -9.05 -2.13 19.94
N ALA A 455 -7.89 -2.60 19.46
CA ALA A 455 -6.86 -1.72 18.93
C ALA A 455 -7.39 -0.80 17.83
N ALA A 456 -8.08 -1.41 16.86
CA ALA A 456 -8.62 -0.71 15.70
C ALA A 456 -9.63 0.34 16.09
N ASN A 457 -10.53 0.01 17.03
CA ASN A 457 -11.54 0.97 17.45
C ASN A 457 -10.94 2.14 18.23
N LEU A 458 -9.97 1.84 19.10
CA LEU A 458 -9.24 2.89 19.81
C LEU A 458 -8.59 3.87 18.83
N TYR A 459 -7.85 3.30 17.87
CA TYR A 459 -7.20 4.10 16.85
C TYR A 459 -8.20 4.91 16.05
N TRP A 460 -9.35 4.30 15.78
CA TRP A 460 -10.40 4.94 15.01
C TRP A 460 -10.91 6.17 15.73
N GLN A 461 -11.11 6.05 17.05
CA GLN A 461 -11.57 7.20 17.83
C GLN A 461 -10.52 8.30 17.86
N ILE A 462 -9.25 7.89 17.93
CA ILE A 462 -8.16 8.85 17.81
C ILE A 462 -8.24 9.63 16.49
N LEU A 463 -8.41 8.90 15.39
CA LEU A 463 -8.54 9.50 14.07
C LEU A 463 -9.76 10.42 14.00
N THR A 464 -10.83 10.04 14.68
CA THR A 464 -12.03 10.86 14.71
C THR A 464 -11.74 12.21 15.37
N GLU A 465 -11.16 12.16 16.57
CA GLU A 465 -10.76 13.38 17.27
C GLU A 465 -9.85 14.24 16.40
N TYR A 466 -8.84 13.61 15.83
CA TYR A 466 -7.87 14.30 14.97
C TYR A 466 -8.54 15.01 13.81
N VAL A 467 -9.33 14.27 13.04
CA VAL A 467 -10.00 14.80 11.85
C VAL A 467 -10.93 15.96 12.21
N ASP A 468 -11.75 15.75 13.23
CA ASP A 468 -12.66 16.81 13.69
C ASP A 468 -11.87 18.08 14.03
N ALA A 469 -10.83 17.92 14.85
CA ALA A 469 -10.00 19.05 15.25
C ALA A 469 -9.40 19.79 14.07
N PHE A 470 -8.75 19.04 13.18
CA PHE A 470 -8.10 19.60 12.00
C PHE A 470 -9.08 20.38 11.15
N PHE A 471 -10.20 19.75 10.84
CA PHE A 471 -11.23 20.39 10.03
C PHE A 471 -11.72 21.67 10.68
N ALA A 472 -11.87 21.65 12.00
CA ALA A 472 -12.30 22.85 12.72
C ALA A 472 -11.27 23.97 12.57
N LYS A 473 -10.00 23.63 12.76
CA LYS A 473 -8.93 24.63 12.74
C LYS A 473 -8.77 25.32 11.38
N HIS A 474 -8.81 24.54 10.30
CA HIS A 474 -8.56 25.07 8.97
C HIS A 474 -9.85 25.23 8.15
N GLN A 475 -10.97 25.38 8.84
CA GLN A 475 -12.29 25.43 8.19
C GLN A 475 -12.36 26.45 7.06
N GLN A 476 -11.92 27.67 7.33
CA GLN A 476 -11.98 28.74 6.35
C GLN A 476 -11.16 28.42 5.10
N ALA A 477 -9.94 27.94 5.31
CA ALA A 477 -9.07 27.60 4.18
C ALA A 477 -9.58 26.38 3.43
N ILE A 478 -10.11 25.40 4.16
CA ILE A 478 -10.67 24.20 3.54
C ILE A 478 -11.85 24.55 2.64
N ALA A 479 -12.68 25.48 3.09
CA ALA A 479 -13.82 25.93 2.28
C ALA A 479 -13.40 26.81 1.11
N ASP A 480 -12.45 27.71 1.34
CA ASP A 480 -11.98 28.64 0.33
C ASP A 480 -11.42 27.95 -0.92
N GLU A 481 -10.82 26.78 -0.71
CA GLU A 481 -10.22 26.04 -1.81
C GLU A 481 -10.87 24.67 -1.96
N TRP A 482 -12.19 24.66 -1.85
CA TRP A 482 -12.97 23.43 -1.91
C TRP A 482 -12.96 22.83 -3.32
N VAL A 483 -12.70 23.68 -4.31
CA VAL A 483 -12.60 23.25 -5.70
C VAL A 483 -11.59 22.11 -5.84
N GLU A 484 -10.50 22.20 -5.07
CA GLU A 484 -9.50 21.14 -5.05
C GLU A 484 -10.12 19.84 -4.56
N ILE A 485 -10.96 19.93 -3.52
CA ILE A 485 -11.65 18.75 -3.02
C ILE A 485 -12.56 18.15 -4.09
N ARG A 486 -13.20 19.01 -4.87
CA ARG A 486 -14.06 18.52 -5.94
C ARG A 486 -13.25 17.78 -7.02
N ARG A 487 -12.14 18.37 -7.45
CA ARG A 487 -11.29 17.74 -8.46
C ARG A 487 -10.74 16.42 -7.96
N PHE A 488 -10.39 16.40 -6.68
CA PHE A 488 -9.95 15.20 -5.96
C PHE A 488 -11.01 14.09 -6.05
N SER A 489 -12.22 14.44 -5.64
CA SER A 489 -13.37 13.54 -5.69
C SER A 489 -13.59 12.99 -7.10
N GLU A 490 -13.61 13.90 -8.08
CA GLU A 490 -13.86 13.54 -9.47
C GLU A 490 -12.81 12.58 -10.00
N ASP A 491 -11.54 12.85 -9.71
CA ASP A 491 -10.47 11.95 -10.14
C ASP A 491 -10.63 10.56 -9.52
N LEU A 492 -10.94 10.54 -8.22
CA LEU A 492 -11.23 9.28 -7.53
C LEU A 492 -12.33 8.46 -8.21
N VAL A 493 -13.52 9.06 -8.36
CA VAL A 493 -14.65 8.36 -8.97
C VAL A 493 -14.36 7.94 -10.40
N GLU A 494 -13.87 8.87 -11.20
CA GLU A 494 -13.64 8.64 -12.62
C GLU A 494 -12.57 7.58 -12.88
N HIS A 495 -11.64 7.41 -11.94
CA HIS A 495 -10.54 6.48 -12.21
C HIS A 495 -10.61 5.21 -11.40
N SER A 496 -11.63 5.08 -10.55
CA SER A 496 -11.77 3.88 -9.75
C SER A 496 -12.23 2.74 -10.65
N MET A 497 -12.31 1.53 -10.09
CA MET A 497 -12.82 0.40 -10.84
C MET A 497 -14.31 0.54 -11.05
N PRO A 498 -14.83 -0.10 -12.09
CA PRO A 498 -16.29 -0.24 -12.15
C PRO A 498 -16.76 -1.14 -11.01
N TYR A 499 -17.77 -0.69 -10.27
CA TYR A 499 -18.33 -1.46 -9.16
C TYR A 499 -18.89 -2.81 -9.60
N GLN A 500 -18.60 -3.82 -8.79
CA GLN A 500 -19.05 -5.18 -9.02
C GLN A 500 -19.30 -5.83 -7.67
N PRO A 501 -20.57 -6.11 -7.35
CA PRO A 501 -20.94 -6.71 -6.07
C PRO A 501 -20.09 -7.93 -5.79
N ILE A 502 -19.69 -8.10 -4.52
CA ILE A 502 -18.68 -9.06 -4.15
C ILE A 502 -18.98 -10.47 -4.66
N GLU A 503 -17.92 -11.15 -5.09
CA GLU A 503 -17.98 -12.53 -5.51
C GLU A 503 -16.64 -13.19 -5.22
N GLY A 504 -16.62 -14.52 -5.23
CA GLY A 504 -15.40 -15.25 -4.97
C GLY A 504 -15.23 -15.62 -3.51
N ILE A 505 -13.99 -15.58 -3.03
CA ILE A 505 -13.65 -16.08 -1.70
C ILE A 505 -14.23 -15.24 -0.56
N MET A 506 -14.47 -13.95 -0.81
CA MET A 506 -14.96 -13.07 0.25
C MET A 506 -16.47 -12.90 0.21
N ALA A 507 -17.14 -13.70 -0.60
CA ALA A 507 -18.60 -13.66 -0.67
C ALA A 507 -19.18 -14.80 0.15
N ASN A 508 -20.15 -14.47 1.01
CA ASN A 508 -20.80 -15.46 1.85
C ASN A 508 -21.90 -16.20 1.10
N THR A 509 -21.77 -17.52 1.04
CA THR A 509 -22.73 -18.37 0.34
C THR A 509 -23.64 -19.06 1.33
N ASP A 510 -23.31 -18.96 2.61
CA ASP A 510 -24.05 -19.62 3.66
C ASP A 510 -25.36 -18.91 4.01
N SER A 511 -26.42 -19.70 4.17
CA SER A 511 -27.72 -19.17 4.53
C SER A 511 -27.83 -19.02 6.05
N ASP A 512 -27.14 -19.92 6.75
CA ASP A 512 -27.19 -19.96 8.22
C ASP A 512 -26.31 -18.88 8.84
N TYR A 513 -25.22 -18.55 8.15
CA TYR A 513 -24.24 -17.63 8.72
C TYR A 513 -24.23 -16.27 8.04
N GLU A 514 -23.99 -15.23 8.84
CA GLU A 514 -23.83 -13.88 8.32
C GLU A 514 -22.56 -13.28 8.90
N TRP A 515 -21.99 -12.29 8.23
CA TRP A 515 -20.85 -11.58 8.81
C TRP A 515 -21.26 -10.97 10.13
N TYR A 516 -20.50 -11.25 11.18
CA TYR A 516 -20.87 -10.84 12.54
C TYR A 516 -20.86 -9.32 12.67
N ASP A 517 -20.06 -8.66 11.85
CA ASP A 517 -19.96 -7.20 11.85
C ASP A 517 -19.93 -6.71 10.41
N THR A 518 -20.69 -5.67 10.09
CA THR A 518 -20.81 -5.25 8.70
C THR A 518 -20.21 -3.88 8.40
N GLY A 519 -19.62 -3.25 9.42
CA GLY A 519 -19.08 -1.91 9.29
C GLY A 519 -17.96 -1.75 8.27
N GLU A 520 -17.18 -2.80 8.05
CA GLU A 520 -16.08 -2.74 7.10
C GLU A 520 -16.55 -3.15 5.71
N LEU A 521 -17.70 -3.81 5.66
CA LEU A 521 -18.18 -4.42 4.44
C LEU A 521 -18.78 -3.44 3.45
N ASP A 522 -18.87 -3.89 2.21
CA ASP A 522 -19.50 -3.11 1.14
C ASP A 522 -20.98 -2.85 1.47
N LYS A 523 -21.41 -1.61 1.31
CA LYS A 523 -22.81 -1.27 1.44
C LYS A 523 -23.45 -1.08 0.07
N PRO A 524 -24.04 -2.16 -0.49
CA PRO A 524 -24.59 -2.11 -1.84
C PRO A 524 -25.79 -1.17 -1.95
N ASP A 525 -26.54 -1.03 -0.86
CA ASP A 525 -27.73 -0.19 -0.86
C ASP A 525 -27.41 1.30 -0.95
N LEU A 526 -26.25 1.69 -0.43
CA LEU A 526 -25.80 3.08 -0.55
C LEU A 526 -25.51 3.41 -2.01
N PRO A 527 -26.18 4.43 -2.55
CA PRO A 527 -26.04 4.80 -3.97
C PRO A 527 -24.59 5.07 -4.38
N ARG A 528 -24.21 4.55 -5.55
CA ARG A 528 -22.93 4.88 -6.15
C ARG A 528 -23.17 5.62 -7.46
N ALA A 529 -22.15 6.33 -7.93
CA ALA A 529 -22.31 7.17 -9.11
C ALA A 529 -21.93 6.41 -10.37
N THR A 530 -22.14 7.06 -11.50
CA THR A 530 -21.84 6.47 -12.80
C THR A 530 -20.85 7.37 -13.55
N PHE A 531 -19.86 6.75 -14.17
CA PHE A 531 -18.97 7.47 -15.07
C PHE A 531 -18.67 6.57 -16.27
N ASN A 532 -18.66 7.15 -17.45
CA ASN A 532 -18.37 6.43 -18.69
C ASN A 532 -19.30 5.23 -18.90
N GLY A 533 -20.51 5.31 -18.37
CA GLY A 533 -21.50 4.27 -18.59
C GLY A 533 -21.46 3.10 -17.61
N LYS A 534 -20.57 3.17 -16.63
CA LYS A 534 -20.51 2.12 -15.62
C LYS A 534 -20.64 2.71 -14.22
N THR A 535 -21.27 1.97 -13.32
CA THR A 535 -21.30 2.35 -11.92
C THR A 535 -19.92 2.19 -11.31
N LYS A 536 -19.43 3.25 -10.68
CA LYS A 536 -18.06 3.26 -10.15
C LYS A 536 -18.02 2.88 -8.66
N VAL A 537 -16.94 2.20 -8.27
CA VAL A 537 -16.82 1.67 -6.92
C VAL A 537 -16.64 2.78 -5.88
N ILE A 538 -15.87 3.82 -6.19
CA ILE A 538 -15.69 4.90 -5.24
C ILE A 538 -16.81 5.94 -5.34
N ARG A 539 -17.44 6.21 -4.21
CA ARG A 539 -18.49 7.22 -4.13
C ARG A 539 -17.90 8.63 -4.07
N PRO A 540 -18.56 9.60 -4.72
CA PRO A 540 -18.08 10.99 -4.73
C PRO A 540 -18.20 11.70 -3.37
N ILE A 541 -17.14 12.41 -2.99
CA ILE A 541 -17.12 13.19 -1.77
C ILE A 541 -17.96 14.45 -1.94
N THR A 542 -17.85 15.06 -3.11
CA THR A 542 -18.61 16.28 -3.39
C THR A 542 -18.81 16.47 -4.89
N ASN A 543 -19.81 17.26 -5.25
CA ASN A 543 -20.06 17.61 -6.64
C ASN A 543 -20.39 19.08 -6.77
N SER A 544 -19.99 19.86 -5.78
CA SER A 544 -20.22 21.30 -5.77
C SER A 544 -18.92 22.06 -5.49
N ASN A 545 -18.92 23.35 -5.81
CA ASN A 545 -17.71 24.17 -5.67
C ASN A 545 -17.61 24.83 -4.30
N GLN A 546 -18.57 24.52 -3.44
CA GLN A 546 -18.54 24.96 -2.05
C GLN A 546 -19.01 23.83 -1.15
N PRO A 547 -18.47 23.76 0.08
CA PRO A 547 -18.82 22.65 0.96
C PRO A 547 -20.23 22.76 1.55
N SER A 548 -20.68 21.66 2.14
CA SER A 548 -21.91 21.63 2.94
C SER A 548 -21.66 20.66 4.08
N ALA A 549 -22.60 20.60 5.04
CA ALA A 549 -22.48 19.66 6.15
C ALA A 549 -22.24 18.24 5.64
N THR A 550 -23.07 17.83 4.68
CA THR A 550 -22.94 16.53 4.04
C THR A 550 -21.56 16.33 3.42
N ASP A 551 -21.16 17.26 2.56
CA ASP A 551 -19.90 17.15 1.83
C ASP A 551 -18.70 17.11 2.77
N ILE A 552 -18.73 17.99 3.78
CA ILE A 552 -17.66 18.05 4.78
C ILE A 552 -17.57 16.72 5.53
N ASP A 553 -18.72 16.18 5.94
CA ASP A 553 -18.74 14.90 6.64
C ASP A 553 -18.20 13.78 5.75
N ASN A 554 -18.57 13.81 4.48
CA ASN A 554 -18.04 12.90 3.49
C ASN A 554 -16.51 12.93 3.45
N LEU A 555 -15.97 14.15 3.35
CA LEU A 555 -14.53 14.33 3.31
C LEU A 555 -13.85 13.84 4.58
N LYS A 556 -14.43 14.17 5.73
CA LYS A 556 -13.92 13.70 7.01
C LYS A 556 -13.85 12.18 7.06
N GLN A 557 -14.89 11.53 6.55
CA GLN A 557 -14.94 10.07 6.55
C GLN A 557 -13.88 9.48 5.62
N CYS A 558 -13.74 10.06 4.44
CA CYS A 558 -12.75 9.61 3.48
C CYS A 558 -11.34 9.73 4.08
N CYS A 559 -11.11 10.86 4.76
CA CYS A 559 -9.84 11.12 5.43
C CYS A 559 -9.55 10.08 6.51
N ARG A 560 -10.55 9.80 7.34
CA ARG A 560 -10.47 8.74 8.34
C ARG A 560 -10.09 7.39 7.72
N HIS A 561 -10.77 7.06 6.62
CA HIS A 561 -10.53 5.81 5.90
C HIS A 561 -9.08 5.70 5.43
N ILE A 562 -8.65 6.70 4.67
CA ILE A 562 -7.30 6.77 4.14
C ILE A 562 -6.26 6.65 5.24
N ILE A 563 -6.36 7.51 6.25
CA ILE A 563 -5.39 7.51 7.34
C ILE A 563 -5.38 6.15 8.04
N PHE A 564 -6.56 5.58 8.26
CA PHE A 564 -6.65 4.30 8.95
C PHE A 564 -5.90 3.21 8.22
N HIS A 565 -6.12 3.12 6.91
CA HIS A 565 -5.52 2.02 6.17
C HIS A 565 -4.05 2.25 5.82
N THR A 566 -3.62 3.51 5.73
CA THR A 566 -2.24 3.79 5.40
C THR A 566 -1.34 3.70 6.63
N THR A 567 -1.92 3.80 7.82
CA THR A 567 -1.16 3.70 9.06
C THR A 567 -1.36 2.37 9.78
N LEU A 568 -2.32 2.31 10.68
CA LEU A 568 -2.52 1.12 11.51
C LEU A 568 -2.77 -0.18 10.73
N TRP A 569 -3.68 -0.15 9.76
CA TRP A 569 -4.02 -1.38 9.04
C TRP A 569 -2.82 -2.00 8.35
N HIS A 570 -2.17 -1.23 7.50
CA HIS A 570 -1.02 -1.73 6.78
C HIS A 570 0.09 -2.12 7.74
N THR A 571 0.26 -1.35 8.81
CA THR A 571 1.22 -1.69 9.86
C THR A 571 0.96 -3.10 10.36
N TRP A 572 -0.30 -3.34 10.71
CA TRP A 572 -0.70 -4.58 11.32
C TRP A 572 -0.49 -5.75 10.38
N VAL A 573 -0.93 -5.61 9.14
CA VAL A 573 -0.84 -6.70 8.19
C VAL A 573 0.60 -6.98 7.78
N ASN A 574 1.35 -5.91 7.54
CA ASN A 574 2.72 -6.02 7.05
C ASN A 574 3.71 -6.50 8.11
N ASP A 575 3.65 -5.90 9.30
CA ASP A 575 4.61 -6.22 10.35
C ASP A 575 4.27 -7.54 11.05
N SER A 576 3.18 -8.18 10.62
CA SER A 576 2.80 -9.47 11.18
C SER A 576 3.22 -10.61 10.27
N GLN A 577 3.89 -10.26 9.17
CA GLN A 577 4.27 -11.25 8.17
C GLN A 577 5.28 -12.25 8.73
N SER A 578 6.26 -11.78 9.49
CA SER A 578 7.21 -12.69 10.11
C SER A 578 6.56 -13.56 11.17
N ASP A 579 5.69 -12.94 11.97
CA ASP A 579 5.05 -13.63 13.09
C ASP A 579 4.17 -14.77 12.62
N GLU A 580 3.64 -14.66 11.41
CA GLU A 580 2.74 -15.69 10.91
C GLU A 580 3.44 -16.65 9.98
N GLY A 581 4.39 -16.15 9.18
CA GLY A 581 4.96 -16.96 8.12
C GLY A 581 6.48 -17.07 8.11
N GLY A 582 7.13 -16.63 9.18
CA GLY A 582 8.57 -16.72 9.28
C GLY A 582 9.08 -18.13 9.46
N GLU A 583 8.25 -19.00 10.03
CA GLU A 583 8.62 -20.39 10.27
C GLU A 583 7.90 -21.35 9.32
N LEU A 584 8.68 -22.00 8.47
CA LEU A 584 8.18 -22.85 7.39
C LEU A 584 7.31 -24.01 7.88
N ALA A 585 7.72 -24.63 8.98
CA ALA A 585 6.97 -25.77 9.50
C ALA A 585 5.56 -25.37 9.94
N TYR A 586 5.41 -24.10 10.29
CA TYR A 586 4.18 -23.60 10.89
C TYR A 586 3.24 -22.99 9.85
N ASN A 587 3.82 -22.43 8.81
CA ASN A 587 3.03 -21.74 7.81
C ASN A 587 3.74 -21.52 6.48
N SER A 588 2.95 -21.42 5.42
CA SER A 588 3.46 -21.09 4.09
C SER A 588 2.32 -20.56 3.22
N LEU A 589 2.64 -20.13 2.01
CA LEU A 589 1.62 -19.60 1.11
C LEU A 589 0.90 -20.73 0.38
N ALA A 590 1.42 -21.94 0.53
CA ALA A 590 0.81 -23.12 -0.08
C ALA A 590 1.43 -24.42 0.42
N LEU A 591 0.78 -25.54 0.12
CA LEU A 591 1.32 -26.86 0.44
C LEU A 591 1.30 -27.74 -0.82
N ARG A 592 1.95 -28.90 -0.75
CA ARG A 592 2.10 -29.75 -1.92
C ARG A 592 1.79 -31.22 -1.65
N ASN A 593 1.63 -31.98 -2.73
CA ASN A 593 1.56 -33.44 -2.70
C ASN A 593 0.57 -34.05 -1.70
N GLY A 594 -0.57 -33.39 -1.51
CA GLY A 594 -1.61 -33.91 -0.65
C GLY A 594 -1.80 -33.05 0.59
N SER A 595 -0.77 -32.28 0.92
CA SER A 595 -0.78 -31.35 2.05
C SER A 595 -0.97 -32.03 3.41
N PHE A 596 -1.08 -33.34 3.41
CA PHE A 596 -1.29 -34.08 4.65
C PHE A 596 -0.05 -34.90 5.03
N GLY A 597 0.47 -34.61 6.21
CA GLY A 597 1.64 -35.30 6.73
C GLY A 597 2.21 -34.50 7.88
N SER A 598 3.24 -35.04 8.52
CA SER A 598 3.93 -34.32 9.59
C SER A 598 4.46 -33.00 9.07
N GLU A 599 4.64 -32.02 9.96
CA GLU A 599 5.09 -30.71 9.55
C GLU A 599 6.60 -30.67 9.30
N THR A 600 7.22 -31.84 9.27
CA THR A 600 8.64 -31.95 8.95
C THR A 600 8.81 -32.50 7.54
N ASP A 601 7.69 -32.95 6.96
CA ASP A 601 7.67 -33.53 5.61
C ASP A 601 8.04 -32.48 4.56
N PRO A 602 9.18 -32.68 3.89
CA PRO A 602 9.66 -31.73 2.88
C PRO A 602 8.87 -31.80 1.58
N ASN A 603 8.16 -32.90 1.34
CA ASN A 603 7.32 -33.05 0.16
C ASN A 603 6.04 -32.25 0.27
N ILE A 604 5.49 -32.18 1.48
CA ILE A 604 4.32 -31.36 1.78
C ILE A 604 4.67 -29.87 1.71
N ALA A 605 5.76 -29.51 2.38
CA ALA A 605 6.20 -28.12 2.48
C ALA A 605 6.72 -27.57 1.15
N PRO A 606 6.90 -26.23 1.06
CA PRO A 606 7.53 -25.61 -0.12
C PRO A 606 8.88 -26.26 -0.46
N ASP A 607 9.22 -26.34 -1.74
CA ASP A 607 10.53 -26.84 -2.13
C ASP A 607 11.58 -25.82 -1.64
N PRO A 608 12.86 -26.23 -1.55
CA PRO A 608 13.90 -25.38 -0.97
C PRO A 608 13.91 -23.92 -1.44
N ILE A 609 13.79 -23.71 -2.75
CA ILE A 609 13.89 -22.36 -3.30
C ILE A 609 12.66 -21.51 -2.94
N GLU A 610 11.49 -22.14 -2.93
CA GLU A 610 10.27 -21.48 -2.48
C GLU A 610 10.35 -21.15 -0.99
N ALA A 611 10.91 -22.08 -0.22
CA ALA A 611 11.02 -21.91 1.23
C ALA A 611 11.93 -20.74 1.59
N THR A 612 13.14 -20.79 1.04
CA THR A 612 14.11 -19.73 1.32
C THR A 612 13.58 -18.40 0.84
N ASN A 613 12.92 -18.36 -0.32
CA ASN A 613 12.36 -17.10 -0.80
C ASN A 613 11.23 -16.59 0.10
N GLN A 614 10.42 -17.52 0.62
CA GLN A 614 9.38 -17.18 1.58
C GLN A 614 9.96 -16.44 2.78
N VAL A 615 10.86 -17.12 3.49
CA VAL A 615 11.46 -16.55 4.69
C VAL A 615 12.20 -15.23 4.38
N TYR A 616 12.94 -15.24 3.27
CA TYR A 616 13.68 -14.06 2.84
C TYR A 616 12.77 -12.84 2.67
N ILE A 617 11.73 -13.00 1.87
CA ILE A 617 10.83 -11.89 1.57
C ILE A 617 10.12 -11.40 2.84
N PHE A 618 9.64 -12.33 3.66
CA PHE A 618 8.93 -11.90 4.87
C PHE A 618 9.86 -11.10 5.79
N SER A 619 11.06 -11.63 6.00
CA SER A 619 12.06 -11.01 6.87
C SER A 619 12.50 -9.64 6.36
N VAL A 620 12.62 -9.52 5.04
CA VAL A 620 12.96 -8.25 4.41
C VAL A 620 11.84 -7.23 4.59
N LEU A 621 10.62 -7.63 4.20
CA LEU A 621 9.47 -6.73 4.21
C LEU A 621 9.14 -6.22 5.60
N ASN A 622 9.28 -7.05 6.63
CA ASN A 622 9.02 -6.55 7.97
C ASN A 622 10.29 -5.97 8.62
N GLY A 623 11.45 -6.27 8.04
CA GLY A 623 12.72 -5.79 8.57
C GLY A 623 13.02 -4.35 8.24
N ILE A 624 12.44 -3.85 7.15
CA ILE A 624 12.58 -2.45 6.76
C ILE A 624 11.49 -1.62 7.42
N LYS A 625 11.86 -0.76 8.36
CA LYS A 625 10.88 -0.05 9.17
C LYS A 625 11.17 1.44 9.30
N TYR A 626 11.03 2.17 8.19
CA TYR A 626 11.20 3.62 8.20
C TYR A 626 9.86 4.32 7.96
N GLY A 627 9.56 5.31 8.79
CA GLY A 627 8.31 6.04 8.68
C GLY A 627 7.29 5.64 9.73
N LEU A 628 7.47 6.17 10.93
CA LEU A 628 6.57 5.90 12.05
C LEU A 628 5.96 7.20 12.57
N LEU A 629 4.70 7.13 12.98
CA LEU A 629 3.96 8.30 13.44
C LEU A 629 4.66 9.04 14.58
N VAL A 630 5.01 8.29 15.62
CA VAL A 630 5.66 8.89 16.80
C VAL A 630 7.03 9.43 16.45
N LYS A 631 7.87 8.60 15.84
CA LYS A 631 9.22 9.00 15.48
C LYS A 631 9.24 10.19 14.52
N ASN A 632 8.25 10.23 13.63
CA ASN A 632 8.08 11.31 12.66
C ASN A 632 9.38 11.69 11.94
N GLU A 633 10.09 10.69 11.43
CA GLU A 633 11.41 10.92 10.85
C GLU A 633 11.43 11.86 9.63
N ASP A 634 10.26 12.25 9.15
CA ASP A 634 10.18 13.14 7.99
C ASP A 634 9.62 14.52 8.35
N ASP A 635 9.25 14.70 9.62
CA ASP A 635 8.73 15.97 10.13
C ASP A 635 7.60 16.53 9.26
N ASP A 636 6.64 15.68 8.95
CA ASP A 636 5.53 16.08 8.09
C ASP A 636 4.19 15.61 8.65
N VAL A 637 4.26 14.82 9.72
CA VAL A 637 3.06 14.37 10.42
C VAL A 637 2.52 15.49 11.31
N PRO A 638 1.32 16.02 10.97
CA PRO A 638 0.68 17.10 11.73
C PRO A 638 0.64 16.80 13.22
N GLU A 639 1.06 17.77 14.03
CA GLU A 639 1.30 17.55 15.45
C GLU A 639 0.05 17.16 16.22
N GLU A 640 -1.12 17.54 15.72
CA GLU A 640 -2.39 17.17 16.35
C GLU A 640 -2.57 15.66 16.43
N LEU A 641 -2.22 14.98 15.34
CA LEU A 641 -2.33 13.53 15.25
C LEU A 641 -1.34 12.87 16.19
N ARG A 642 -0.12 13.41 16.21
CA ARG A 642 0.92 12.92 17.08
C ARG A 642 0.48 13.00 18.53
N THR A 643 0.02 14.17 18.96
CA THR A 643 -0.33 14.34 20.36
C THR A 643 -1.59 13.54 20.71
N ALA A 644 -2.47 13.36 19.73
CA ALA A 644 -3.67 12.55 19.94
C ALA A 644 -3.28 11.09 20.19
N LEU A 645 -2.30 10.60 19.44
CA LEU A 645 -1.83 9.24 19.59
C LEU A 645 -1.03 9.05 20.89
N LEU A 646 -0.16 10.01 21.19
CA LEU A 646 0.67 9.97 22.38
C LEU A 646 -0.18 9.98 23.64
N ASN A 647 -1.19 10.86 23.65
CA ASN A 647 -2.15 10.95 24.74
C ASN A 647 -2.71 9.57 25.10
N ARG A 648 -2.92 8.73 24.09
CA ARG A 648 -3.50 7.42 24.31
C ARG A 648 -2.47 6.29 24.16
N LYS A 649 -1.29 6.50 24.74
CA LYS A 649 -0.20 5.52 24.69
C LYS A 649 -0.46 4.27 25.55
N ASP A 650 -0.99 4.50 26.74
CA ASP A 650 -1.09 3.46 27.76
C ASP A 650 -2.25 2.50 27.53
N GLN A 651 -3.34 2.97 26.91
CA GLN A 651 -4.46 2.10 26.59
C GLN A 651 -4.03 1.13 25.51
N PHE A 652 -3.14 1.60 24.63
CA PHE A 652 -2.55 0.74 23.61
C PHE A 652 -1.58 -0.23 24.26
N ALA A 653 -0.84 0.25 25.27
CA ALA A 653 0.06 -0.62 26.04
C ALA A 653 -0.72 -1.75 26.70
N GLU A 654 -1.92 -1.45 27.18
CA GLU A 654 -2.77 -2.44 27.86
C GLU A 654 -3.23 -3.54 26.91
N LEU A 655 -3.07 -3.29 25.61
CA LEU A 655 -3.40 -4.29 24.59
C LEU A 655 -2.13 -4.89 24.01
N GLY A 656 -0.98 -4.54 24.60
CA GLY A 656 0.29 -5.07 24.17
C GLY A 656 0.81 -4.43 22.89
N ILE A 657 0.50 -3.15 22.71
CA ILE A 657 0.88 -2.43 21.51
C ILE A 657 1.70 -1.17 21.83
N ASP A 658 2.78 -0.98 21.09
CA ASP A 658 3.56 0.24 21.17
C ASP A 658 3.16 1.19 20.04
N ILE A 659 2.60 2.33 20.40
CA ILE A 659 2.19 3.34 19.42
C ILE A 659 3.37 3.80 18.56
N GLY A 660 4.58 3.56 19.07
CA GLY A 660 5.79 3.91 18.36
C GLY A 660 6.07 2.95 17.21
N ASN A 661 5.34 1.84 17.18
CA ASN A 661 5.50 0.86 16.11
C ASN A 661 4.45 1.04 15.00
N ILE A 662 3.64 2.09 15.13
CA ILE A 662 2.64 2.39 14.12
C ILE A 662 3.24 3.20 12.98
N ARG A 663 3.22 2.63 11.78
CA ARG A 663 3.82 3.29 10.62
C ARG A 663 3.00 4.47 10.13
N THR A 664 3.67 5.44 9.54
CA THR A 664 3.02 6.65 9.04
C THR A 664 2.40 6.41 7.66
N LEU A 665 3.04 5.54 6.88
CA LEU A 665 2.70 5.39 5.48
C LEU A 665 2.92 3.97 4.99
N ILE A 666 2.67 3.77 3.70
CA ILE A 666 2.96 2.50 3.04
C ILE A 666 4.13 2.69 2.08
N ASN A 667 5.31 2.21 2.47
CA ASN A 667 6.47 2.26 1.59
C ASN A 667 7.24 0.95 1.63
N ILE A 668 6.60 -0.07 2.19
CA ILE A 668 7.14 -1.43 2.17
C ILE A 668 5.95 -2.39 2.09
#